data_7CKN
#
_entry.id   7CKN
#
_cell.length_a   58.666
_cell.length_b   128.425
_cell.length_c   148.694
_cell.angle_alpha   90.000
_cell.angle_beta   90.000
_cell.angle_gamma   90.000
#
_symmetry.space_group_name_H-M   'P 21 21 21'
#
loop_
_entity.id
_entity.type
_entity.pdbx_description
1 polymer 'Bifunctional cytochrome P450/NADPH--P450 reductase'
2 non-polymer 'PROTOPORPHYRIN IX CONTAINING FE'
3 non-polymer '(2S)-3-phenyl-2-[2-[4-(trifluoromethyloxy)phenoxy]ethanoylamino]propanoic acid'
4 non-polymer propan-2-amine
5 non-polymer GLYCEROL
6 water water
#
_entity_poly.entity_id   1
_entity_poly.type   'polypeptide(L)'
_entity_poly.pdbx_seq_one_letter_code
;MTIKEMPQPKTFGELKNLPLLNTDKPVQALMKIADELGEIFKFEAPGRVTRYLSSQRLIKEACDESRFDKNLSQALKFVR
DFAGDGLFTSWTHEKNWKKAHNILLPSFSQQAMKGYHAMMVDIAVQLVQKWERLNADEHIEVPEDMTRLTLDTIGLCGFN
YRFNSFYRDQPHPFITSMVRALDEAMNKLQRANPDDPAYDENKRQFQEDIKVMNDLVDKIIADRKASGEQSDDLLTHMLN
GKDPETGEPLDDENIRYQIITFLIAGHETTSGLLSFALYFLVKNPHVLQKAAEEAARVLVDPVPSYKQVKQLKYVGMVLN
EALRLWPTAPAFSLYAKEDTVLGGEYPLEKGDELMVLIPQLHRDKTIWGDDVEEFRPERFENPSAIPQHAFKPFGNGQRA
CIGQQFALHEATLVLGMMLKHFDFEDHTNYELDIKETLTLKPEGFVVKAKSKKIPL
;
_entity_poly.pdbx_strand_id   A,B
#
loop_
_chem_comp.id
_chem_comp.type
_chem_comp.name
_chem_comp.formula
G4O non-polymer propan-2-amine 'C3 H9 N'
G56 non-polymer '(2S)-3-phenyl-2-[2-[4-(trifluoromethyloxy)phenoxy]ethanoylamino]propanoic acid' 'C18 H16 F3 N O5'
GOL non-polymer GLYCEROL 'C3 H8 O3'
HEM non-polymer 'PROTOPORPHYRIN IX CONTAINING FE' 'C34 H32 Fe N4 O4'
#
# COMPACT_ATOMS: atom_id res chain seq x y z
N ILE A 3 -44.38 40.51 -12.56
CA ILE A 3 -42.89 40.39 -12.47
C ILE A 3 -42.49 40.78 -11.03
N LYS A 4 -41.57 40.00 -10.45
CA LYS A 4 -41.12 40.14 -9.03
C LYS A 4 -39.63 40.51 -9.00
N GLU A 5 -39.24 41.20 -7.93
CA GLU A 5 -37.83 41.48 -7.60
C GLU A 5 -37.29 40.37 -6.69
N MET A 6 -36.15 39.82 -7.04
CA MET A 6 -35.63 38.67 -6.27
C MET A 6 -34.77 39.17 -5.14
N PRO A 7 -34.78 38.44 -4.01
CA PRO A 7 -33.92 38.74 -2.88
C PRO A 7 -32.44 38.51 -3.22
N GLN A 8 -31.64 39.09 -2.38
CA GLN A 8 -30.18 39.09 -2.50
C GLN A 8 -29.61 39.00 -1.09
N PRO A 9 -28.61 38.12 -0.87
CA PRO A 9 -27.93 38.07 0.43
C PRO A 9 -27.10 39.34 0.71
N LYS A 10 -26.56 39.34 1.92
CA LYS A 10 -25.86 40.53 2.46
C LYS A 10 -24.64 40.88 1.58
N THR A 11 -24.37 42.17 1.47
CA THR A 11 -23.33 42.73 0.61
C THR A 11 -22.19 43.33 1.41
N PHE A 12 -21.06 43.51 0.73
CA PHE A 12 -19.78 43.98 1.30
C PHE A 12 -19.28 45.10 0.42
N GLY A 13 -20.09 46.13 0.27
CA GLY A 13 -19.69 47.29 -0.52
C GLY A 13 -19.42 46.86 -1.91
N GLU A 14 -18.30 47.33 -2.48
N GLU A 14 -18.31 47.34 -2.49
CA GLU A 14 -17.90 47.14 -3.90
CA GLU A 14 -17.94 47.14 -3.91
C GLU A 14 -17.60 45.67 -4.19
C GLU A 14 -17.64 45.66 -4.19
N LEU A 15 -17.40 44.84 -3.16
CA LEU A 15 -17.17 43.39 -3.39
C LEU A 15 -18.53 42.68 -3.56
N LYS A 16 -19.64 43.38 -3.37
CA LYS A 16 -21.01 42.83 -3.56
C LYS A 16 -21.14 41.59 -2.69
N ASN A 17 -21.48 40.42 -3.27
CA ASN A 17 -21.67 39.22 -2.41
C ASN A 17 -20.43 38.36 -2.35
N LEU A 18 -19.36 38.72 -3.06
CA LEU A 18 -18.20 37.81 -3.21
C LEU A 18 -17.64 37.31 -1.87
N PRO A 19 -17.52 38.11 -0.81
CA PRO A 19 -16.97 37.58 0.43
C PRO A 19 -17.78 36.44 1.06
N LEU A 20 -19.04 36.29 0.65
CA LEU A 20 -19.82 35.12 1.15
C LEU A 20 -19.14 33.83 0.72
N LEU A 21 -18.36 33.84 -0.36
CA LEU A 21 -17.66 32.61 -0.78
C LEU A 21 -16.28 32.44 -0.12
N ASN A 22 -15.85 33.36 0.70
CA ASN A 22 -14.57 33.24 1.42
C ASN A 22 -14.82 32.36 2.66
N THR A 23 -14.88 31.06 2.40
CA THR A 23 -15.22 29.98 3.35
C THR A 23 -14.72 28.68 2.72
N ASP A 24 -14.32 27.70 3.53
CA ASP A 24 -13.90 26.40 2.98
C ASP A 24 -15.17 25.67 2.58
N LYS A 25 -16.39 26.16 2.89
CA LYS A 25 -17.63 25.38 2.59
C LYS A 25 -18.64 26.25 1.85
N PRO A 26 -18.28 26.79 0.64
CA PRO A 26 -19.11 27.76 -0.04
C PRO A 26 -20.48 27.18 -0.48
N VAL A 27 -20.53 25.93 -0.94
CA VAL A 27 -21.85 25.35 -1.34
C VAL A 27 -22.80 25.24 -0.13
N GLN A 28 -22.29 24.78 1.02
CA GLN A 28 -23.10 24.75 2.26
C GLN A 28 -23.54 26.16 2.69
N ALA A 29 -22.72 27.16 2.45
CA ALA A 29 -23.08 28.56 2.74
C ALA A 29 -24.24 28.97 1.81
N LEU A 30 -24.19 28.60 0.54
CA LEU A 30 -25.22 28.99 -0.44
C LEU A 30 -26.51 28.24 -0.09
N MET A 31 -26.37 27.01 0.40
CA MET A 31 -27.56 26.24 0.83
C MET A 31 -28.23 27.02 1.99
N LYS A 32 -27.47 27.52 2.97
CA LYS A 32 -28.10 28.23 4.09
C LYS A 32 -28.74 29.54 3.57
N ILE A 33 -28.11 30.22 2.61
CA ILE A 33 -28.72 31.44 2.03
C ILE A 33 -30.01 31.06 1.33
N ALA A 34 -30.05 29.94 0.58
CA ALA A 34 -31.31 29.53 -0.06
C ALA A 34 -32.39 29.23 1.00
N ASP A 35 -32.03 28.62 2.11
CA ASP A 35 -33.04 28.32 3.18
C ASP A 35 -33.63 29.61 3.73
N GLU A 36 -32.82 30.64 3.83
CA GLU A 36 -33.24 31.99 4.33
C GLU A 36 -34.06 32.70 3.24
N LEU A 37 -33.66 32.65 1.97
CA LEU A 37 -34.20 33.56 0.94
C LEU A 37 -35.23 32.89 0.06
N GLY A 38 -35.19 31.57 -0.08
CA GLY A 38 -36.24 30.91 -0.88
C GLY A 38 -35.72 30.44 -2.22
N GLU A 39 -36.63 30.30 -3.17
CA GLU A 39 -36.41 29.53 -4.40
C GLU A 39 -35.42 30.20 -5.35
N ILE A 40 -35.24 31.52 -5.23
CA ILE A 40 -34.35 32.26 -6.12
C ILE A 40 -33.70 33.42 -5.37
N PHE A 41 -32.42 33.62 -5.63
CA PHE A 41 -31.72 34.82 -5.15
C PHE A 41 -30.62 35.21 -6.13
N LYS A 42 -30.41 36.50 -6.18
CA LYS A 42 -29.40 37.18 -6.98
C LYS A 42 -28.09 37.09 -6.23
N PHE A 43 -27.02 36.82 -6.96
CA PHE A 43 -25.70 36.77 -6.33
C PHE A 43 -24.76 37.54 -7.22
N GLU A 44 -24.15 38.59 -6.67
CA GLU A 44 -23.28 39.47 -7.48
C GLU A 44 -21.85 39.43 -6.97
N ALA A 45 -20.91 39.52 -7.88
CA ALA A 45 -19.48 39.75 -7.58
C ALA A 45 -19.12 40.87 -8.52
N PRO A 46 -17.96 41.55 -8.35
CA PRO A 46 -17.56 42.55 -9.34
C PRO A 46 -17.50 41.89 -10.73
N GLY A 47 -18.23 42.46 -11.70
CA GLY A 47 -18.20 42.03 -13.10
C GLY A 47 -19.05 40.79 -13.34
N ARG A 48 -19.89 40.39 -12.38
CA ARG A 48 -20.64 39.15 -12.55
C ARG A 48 -21.94 39.13 -11.73
N VAL A 49 -22.97 38.59 -12.36
N VAL A 49 -22.98 38.62 -12.37
CA VAL A 49 -24.27 38.32 -11.72
CA VAL A 49 -24.31 38.37 -11.76
C VAL A 49 -24.72 36.91 -12.10
C VAL A 49 -24.75 36.94 -12.11
N THR A 50 -25.24 36.22 -11.11
CA THR A 50 -25.92 34.95 -11.31
C THR A 50 -27.15 34.91 -10.43
N ARG A 51 -28.02 33.93 -10.69
CA ARG A 51 -29.25 33.69 -9.92
C ARG A 51 -29.25 32.23 -9.53
N TYR A 52 -29.31 32.00 -8.23
CA TYR A 52 -29.35 30.65 -7.59
C TYR A 52 -30.79 30.19 -7.45
N LEU A 53 -31.07 29.04 -8.07
CA LEU A 53 -32.39 28.40 -8.06
C LEU A 53 -32.37 27.19 -7.14
N SER A 54 -33.44 27.04 -6.39
CA SER A 54 -33.58 25.96 -5.39
C SER A 54 -34.91 25.21 -5.55
N SER A 55 -35.92 25.72 -6.27
CA SER A 55 -37.24 25.05 -6.29
C SER A 55 -37.35 24.21 -7.58
N GLN A 56 -38.11 23.12 -7.52
CA GLN A 56 -38.38 22.27 -8.72
C GLN A 56 -39.17 23.14 -9.73
N ARG A 57 -40.01 24.03 -9.24
CA ARG A 57 -40.85 24.88 -10.13
C ARG A 57 -39.93 25.65 -11.08
N LEU A 58 -38.90 26.33 -10.57
CA LEU A 58 -38.01 27.15 -11.40
C LEU A 58 -36.99 26.28 -12.12
N ILE A 59 -36.52 25.22 -11.47
CA ILE A 59 -35.46 24.37 -12.07
C ILE A 59 -36.03 23.64 -13.26
N LYS A 60 -37.31 23.22 -13.21
CA LYS A 60 -37.86 22.49 -14.38
C LYS A 60 -37.82 23.38 -15.61
N GLU A 61 -38.01 24.66 -15.44
CA GLU A 61 -37.88 25.63 -16.55
C GLU A 61 -36.42 25.77 -16.99
N ALA A 62 -35.52 25.89 -16.04
CA ALA A 62 -34.09 26.00 -16.38
C ALA A 62 -33.56 24.81 -17.15
N CYS A 63 -34.22 23.65 -16.97
CA CYS A 63 -33.83 22.36 -17.63
C CYS A 63 -34.47 22.26 -19.03
N ASP A 64 -35.22 23.26 -19.47
CA ASP A 64 -35.78 23.26 -20.82
C ASP A 64 -34.67 23.63 -21.79
N GLU A 65 -34.17 22.66 -22.54
CA GLU A 65 -33.00 22.91 -23.45
C GLU A 65 -33.33 23.85 -24.60
N SER A 66 -34.62 24.11 -24.89
CA SER A 66 -35.00 25.08 -25.94
C SER A 66 -34.75 26.47 -25.37
N ARG A 67 -34.71 26.64 -24.05
CA ARG A 67 -34.61 27.98 -23.42
C ARG A 67 -33.25 28.24 -22.80
N PHE A 68 -32.57 27.18 -22.35
CA PHE A 68 -31.28 27.36 -21.61
C PHE A 68 -30.28 26.28 -22.05
N ASP A 69 -29.02 26.68 -22.14
CA ASP A 69 -27.92 25.75 -22.45
C ASP A 69 -26.97 25.72 -21.24
N LYS A 70 -26.11 24.72 -21.19
CA LYS A 70 -25.04 24.67 -20.18
C LYS A 70 -24.15 25.93 -20.27
N ASN A 71 -23.90 26.50 -19.10
CA ASN A 71 -22.94 27.61 -18.89
C ASN A 71 -21.71 27.02 -18.17
N LEU A 72 -20.53 27.56 -18.44
CA LEU A 72 -19.36 27.28 -17.57
C LEU A 72 -19.37 28.33 -16.42
N SER A 73 -19.68 27.84 -15.21
CA SER A 73 -19.55 28.54 -13.93
C SER A 73 -18.07 28.92 -13.79
N GLN A 74 -17.82 29.87 -12.91
CA GLN A 74 -16.43 30.27 -12.67
C GLN A 74 -15.63 29.03 -12.26
N ALA A 75 -16.19 28.09 -11.47
CA ALA A 75 -15.46 26.86 -11.09
C ALA A 75 -15.01 26.13 -12.39
N LEU A 76 -15.93 25.95 -13.34
CA LEU A 76 -15.64 25.15 -14.55
C LEU A 76 -14.67 25.93 -15.44
N LYS A 77 -14.76 27.27 -15.50
CA LYS A 77 -13.80 28.04 -16.33
C LYS A 77 -12.39 27.81 -15.80
N PHE A 78 -12.28 27.76 -14.46
CA PHE A 78 -10.95 27.52 -13.86
C PHE A 78 -10.51 26.06 -14.05
N VAL A 79 -11.43 25.11 -13.98
CA VAL A 79 -11.04 23.71 -14.22
C VAL A 79 -10.65 23.54 -15.70
N ARG A 80 -11.25 24.33 -16.59
CA ARG A 80 -10.97 24.28 -18.04
C ARG A 80 -9.47 24.56 -18.30
N ASP A 81 -8.78 25.24 -17.37
CA ASP A 81 -7.34 25.51 -17.61
C ASP A 81 -6.54 24.20 -17.58
N PHE A 82 -7.07 23.09 -17.07
CA PHE A 82 -6.41 21.76 -17.22
C PHE A 82 -7.33 20.72 -17.86
N ALA A 83 -8.65 20.88 -17.86
CA ALA A 83 -9.52 19.88 -18.51
C ALA A 83 -9.87 20.29 -19.95
N GLY A 84 -9.47 21.50 -20.37
CA GLY A 84 -9.59 21.96 -21.74
C GLY A 84 -10.98 21.84 -22.32
N ASP A 85 -11.07 21.39 -23.59
CA ASP A 85 -12.36 21.17 -24.22
C ASP A 85 -12.72 19.70 -24.12
N GLY A 86 -12.38 19.05 -23.01
CA GLY A 86 -13.00 17.77 -22.66
C GLY A 86 -14.52 17.95 -22.53
N LEU A 87 -15.24 16.86 -22.34
CA LEU A 87 -16.70 16.93 -22.35
C LEU A 87 -17.22 17.85 -21.24
N PHE A 88 -16.64 17.78 -20.04
CA PHE A 88 -17.21 18.50 -18.87
C PHE A 88 -17.02 20.02 -18.97
N THR A 89 -15.94 20.46 -19.61
CA THR A 89 -15.58 21.90 -19.59
C THR A 89 -15.70 22.54 -21.00
N SER A 90 -16.32 21.85 -21.97
N SER A 90 -16.34 21.83 -21.94
CA SER A 90 -16.61 22.41 -23.30
CA SER A 90 -16.66 22.32 -23.31
C SER A 90 -17.99 23.09 -23.29
C SER A 90 -17.99 23.07 -23.29
N TRP A 91 -18.11 24.11 -24.12
CA TRP A 91 -19.42 24.70 -24.44
C TRP A 91 -20.09 23.80 -25.47
N THR A 92 -21.42 23.74 -25.45
CA THR A 92 -22.19 22.89 -26.33
C THR A 92 -21.90 23.21 -27.81
N HIS A 93 -21.54 24.45 -28.10
CA HIS A 93 -21.34 24.93 -29.49
C HIS A 93 -19.91 24.66 -30.01
N GLU A 94 -18.99 24.20 -29.18
CA GLU A 94 -17.61 23.93 -29.62
C GLU A 94 -17.63 22.60 -30.36
N LYS A 95 -16.96 22.56 -31.51
CA LYS A 95 -16.99 21.35 -32.35
C LYS A 95 -16.67 20.09 -31.53
N ASN A 96 -15.68 20.19 -30.65
CA ASN A 96 -15.21 19.01 -29.87
C ASN A 96 -16.27 18.49 -28.90
N TRP A 97 -17.24 19.29 -28.47
CA TRP A 97 -18.28 18.78 -27.56
C TRP A 97 -19.07 17.70 -28.29
N LYS A 98 -19.75 18.04 -29.38
CA LYS A 98 -20.65 17.05 -30.03
C LYS A 98 -19.83 15.90 -30.58
N LYS A 99 -18.66 16.18 -31.09
CA LYS A 99 -17.81 15.13 -31.66
C LYS A 99 -17.47 14.09 -30.59
N ALA A 100 -16.97 14.53 -29.45
CA ALA A 100 -16.56 13.62 -28.36
C ALA A 100 -17.82 12.94 -27.79
N HIS A 101 -18.91 13.68 -27.70
CA HIS A 101 -20.17 13.12 -27.16
C HIS A 101 -20.57 11.96 -28.04
N ASN A 102 -20.60 12.18 -29.35
CA ASN A 102 -21.07 11.10 -30.25
C ASN A 102 -20.14 9.88 -30.15
N ILE A 103 -18.83 10.10 -30.11
CA ILE A 103 -17.81 9.02 -30.07
C ILE A 103 -17.91 8.26 -28.75
N LEU A 104 -18.10 8.97 -27.66
CA LEU A 104 -18.00 8.37 -26.32
C LEU A 104 -19.33 7.81 -25.81
N LEU A 105 -20.46 8.29 -26.30
CA LEU A 105 -21.76 7.80 -25.78
C LEU A 105 -21.83 6.27 -25.74
N PRO A 106 -21.51 5.54 -26.80
CA PRO A 106 -21.62 4.09 -26.77
C PRO A 106 -20.70 3.43 -25.74
N SER A 107 -19.58 4.07 -25.38
CA SER A 107 -18.59 3.60 -24.39
C SER A 107 -19.15 3.62 -22.94
N PHE A 108 -20.27 4.28 -22.72
CA PHE A 108 -20.76 4.72 -21.40
C PHE A 108 -22.19 4.26 -21.23
N SER A 109 -22.66 3.43 -22.17
CA SER A 109 -24.05 2.96 -22.15
C SER A 109 -24.19 1.89 -21.10
N GLN A 110 -25.43 1.62 -20.72
CA GLN A 110 -25.69 0.48 -19.79
C GLN A 110 -25.10 -0.78 -20.44
N GLN A 111 -25.25 -0.96 -21.74
CA GLN A 111 -24.72 -2.15 -22.42
C GLN A 111 -23.20 -2.24 -22.24
N ALA A 112 -22.48 -1.09 -22.23
CA ALA A 112 -21.00 -1.12 -22.17
C ALA A 112 -20.58 -1.56 -20.75
N MET A 113 -21.47 -1.42 -19.74
CA MET A 113 -21.07 -1.73 -18.39
C MET A 113 -20.76 -3.22 -18.28
N LYS A 114 -21.36 -4.06 -19.12
CA LYS A 114 -21.04 -5.50 -19.05
C LYS A 114 -19.55 -5.72 -19.29
N GLY A 115 -18.96 -4.88 -20.14
CA GLY A 115 -17.54 -4.93 -20.53
C GLY A 115 -16.61 -4.44 -19.45
N TYR A 116 -17.05 -3.45 -18.66
CA TYR A 116 -16.22 -2.87 -17.61
C TYR A 116 -16.31 -3.70 -16.32
N HIS A 117 -17.35 -4.51 -16.18
CA HIS A 117 -17.71 -5.19 -14.90
C HIS A 117 -16.50 -5.90 -14.30
N ALA A 118 -15.79 -6.68 -15.11
CA ALA A 118 -14.68 -7.52 -14.62
C ALA A 118 -13.57 -6.65 -14.01
N MET A 119 -13.31 -5.48 -14.62
N MET A 119 -13.28 -5.48 -14.58
CA MET A 119 -12.29 -4.52 -14.14
CA MET A 119 -12.20 -4.66 -13.99
C MET A 119 -12.78 -3.91 -12.82
C MET A 119 -12.74 -3.84 -12.81
N MET A 120 -14.06 -3.57 -12.73
CA MET A 120 -14.64 -3.01 -11.51
C MET A 120 -14.51 -4.01 -10.36
N VAL A 121 -14.83 -5.28 -10.62
CA VAL A 121 -14.76 -6.39 -9.64
C VAL A 121 -13.31 -6.54 -9.14
N ASP A 122 -12.34 -6.46 -10.03
CA ASP A 122 -10.92 -6.54 -9.67
C ASP A 122 -10.62 -5.54 -8.54
N ILE A 123 -11.06 -4.28 -8.71
CA ILE A 123 -10.70 -3.25 -7.71
C ILE A 123 -11.57 -3.46 -6.45
N ALA A 124 -12.84 -3.79 -6.65
CA ALA A 124 -13.75 -4.00 -5.50
C ALA A 124 -13.24 -5.11 -4.59
N VAL A 125 -12.75 -6.18 -5.20
CA VAL A 125 -12.17 -7.31 -4.44
C VAL A 125 -10.93 -6.81 -3.67
N GLN A 126 -10.12 -5.94 -4.26
CA GLN A 126 -8.97 -5.35 -3.51
C GLN A 126 -9.47 -4.58 -2.29
N LEU A 127 -10.56 -3.85 -2.40
CA LEU A 127 -11.09 -3.11 -1.20
C LEU A 127 -11.51 -4.14 -0.14
N VAL A 128 -12.28 -5.16 -0.53
CA VAL A 128 -12.80 -6.13 0.44
C VAL A 128 -11.61 -6.83 1.13
N GLN A 129 -10.59 -7.21 0.39
N GLN A 129 -10.61 -7.25 0.37
CA GLN A 129 -9.43 -7.90 0.96
CA GLN A 129 -9.41 -7.92 0.93
C GLN A 129 -8.68 -6.95 1.92
C GLN A 129 -8.69 -6.97 1.90
N LYS A 130 -8.58 -5.68 1.57
CA LYS A 130 -7.93 -4.73 2.49
C LYS A 130 -8.64 -4.77 3.85
N TRP A 131 -9.96 -4.68 3.79
CA TRP A 131 -10.74 -4.59 5.03
C TRP A 131 -10.70 -5.94 5.77
N GLU A 132 -10.74 -7.05 5.05
CA GLU A 132 -10.62 -8.37 5.69
C GLU A 132 -9.28 -8.48 6.43
N ARG A 133 -8.24 -7.74 5.97
CA ARG A 133 -6.88 -7.89 6.52
C ARG A 133 -6.60 -6.87 7.63
N LEU A 134 -7.57 -6.03 8.01
CA LEU A 134 -7.28 -5.10 9.14
C LEU A 134 -7.28 -5.93 10.45
N ASN A 135 -6.46 -5.52 11.39
CA ASN A 135 -6.42 -6.09 12.75
C ASN A 135 -7.61 -5.60 13.57
N ALA A 136 -7.88 -6.24 14.70
CA ALA A 136 -9.02 -5.90 15.60
C ALA A 136 -9.02 -4.43 15.97
N ASP A 137 -7.87 -3.86 16.27
CA ASP A 137 -7.79 -2.47 16.84
C ASP A 137 -7.98 -1.38 15.78
N GLU A 138 -8.24 -1.75 14.53
CA GLU A 138 -8.06 -0.81 13.40
C GLU A 138 -9.42 -0.31 12.94
N HIS A 139 -9.42 0.83 12.30
CA HIS A 139 -10.62 1.36 11.64
C HIS A 139 -10.31 1.66 10.16
N ILE A 140 -11.41 1.93 9.48
CA ILE A 140 -11.44 2.33 8.05
C ILE A 140 -11.57 3.84 7.96
N GLU A 141 -10.74 4.40 7.12
CA GLU A 141 -10.88 5.80 6.68
C GLU A 141 -11.71 5.81 5.41
N VAL A 142 -13.00 6.11 5.52
CA VAL A 142 -13.98 5.79 4.46
C VAL A 142 -13.73 6.60 3.20
N PRO A 143 -13.72 7.96 3.19
CA PRO A 143 -13.52 8.66 1.92
C PRO A 143 -12.15 8.32 1.31
N GLU A 144 -11.16 8.10 2.16
CA GLU A 144 -9.79 7.72 1.69
C GLU A 144 -9.82 6.40 0.90
N ASP A 145 -10.46 5.36 1.46
CA ASP A 145 -10.57 4.06 0.80
C ASP A 145 -11.49 4.15 -0.43
N MET A 146 -12.58 4.91 -0.34
CA MET A 146 -13.50 4.99 -1.48
C MET A 146 -12.81 5.69 -2.66
N THR A 147 -11.92 6.63 -2.39
CA THR A 147 -11.21 7.37 -3.44
C THR A 147 -10.11 6.48 -4.03
N ARG A 148 -9.48 5.64 -3.22
CA ARG A 148 -8.51 4.63 -3.72
C ARG A 148 -9.28 3.76 -4.76
N LEU A 149 -10.48 3.30 -4.41
CA LEU A 149 -11.26 2.38 -5.25
C LEU A 149 -11.62 3.08 -6.55
N THR A 150 -12.25 4.22 -6.47
CA THR A 150 -12.83 4.85 -7.67
C THR A 150 -11.76 5.39 -8.60
N LEU A 151 -10.65 5.86 -8.07
CA LEU A 151 -9.51 6.26 -8.94
C LEU A 151 -9.02 4.99 -9.66
N ASP A 152 -8.84 3.89 -8.91
CA ASP A 152 -8.29 2.68 -9.54
C ASP A 152 -9.26 2.21 -10.63
N THR A 153 -10.55 2.24 -10.38
CA THR A 153 -11.54 1.69 -11.33
C THR A 153 -11.43 2.52 -12.63
N ILE A 154 -11.39 3.85 -12.56
CA ILE A 154 -11.37 4.64 -13.83
C ILE A 154 -9.99 4.53 -14.50
N GLY A 155 -8.93 4.32 -13.75
CA GLY A 155 -7.63 4.06 -14.37
C GLY A 155 -7.66 2.79 -15.18
N LEU A 156 -8.24 1.74 -14.64
CA LEU A 156 -8.25 0.44 -15.33
C LEU A 156 -9.22 0.48 -16.51
N CYS A 157 -10.44 0.98 -16.30
CA CYS A 157 -11.45 1.15 -17.38
C CYS A 157 -11.09 2.27 -18.35
N GLY A 158 -10.40 3.31 -17.90
CA GLY A 158 -10.03 4.47 -18.73
C GLY A 158 -8.89 4.16 -19.69
N PHE A 159 -7.82 3.58 -19.21
CA PHE A 159 -6.64 3.41 -20.05
C PHE A 159 -5.82 2.20 -19.64
N ASN A 160 -6.48 1.21 -19.04
CA ASN A 160 -5.78 -0.07 -18.69
C ASN A 160 -4.50 0.23 -17.88
N TYR A 161 -4.60 1.17 -16.94
CA TYR A 161 -3.49 1.61 -16.09
C TYR A 161 -3.92 1.29 -14.65
N ARG A 162 -3.04 0.61 -13.94
CA ARG A 162 -3.21 0.32 -12.48
C ARG A 162 -2.55 1.44 -11.67
N PHE A 163 -3.36 2.30 -11.04
CA PHE A 163 -2.80 3.24 -10.05
C PHE A 163 -2.34 2.49 -8.79
N ASN A 164 -2.81 1.26 -8.55
CA ASN A 164 -2.36 0.47 -7.38
C ASN A 164 -2.51 1.32 -6.12
N SER A 165 -3.65 1.99 -5.95
CA SER A 165 -3.87 2.89 -4.80
C SER A 165 -3.89 2.11 -3.46
N PHE A 166 -4.28 0.83 -3.49
CA PHE A 166 -4.32 0.01 -2.28
C PHE A 166 -2.92 -0.43 -1.86
N TYR A 167 -1.88 -0.17 -2.66
CA TYR A 167 -0.46 -0.51 -2.37
C TYR A 167 0.26 0.70 -1.75
N ARG A 168 -0.36 1.85 -1.67
CA ARG A 168 0.42 3.06 -1.28
C ARG A 168 -0.32 3.95 -0.31
N ASP A 169 0.47 4.83 0.35
CA ASP A 169 0.00 6.03 1.09
C ASP A 169 0.05 7.23 0.15
N GLN A 170 1.21 7.49 -0.45
CA GLN A 170 1.42 8.76 -1.21
C GLN A 170 0.80 8.63 -2.60
N PRO A 171 0.10 9.69 -3.09
CA PRO A 171 -0.53 9.63 -4.40
C PRO A 171 0.49 9.47 -5.54
N HIS A 172 -0.02 9.00 -6.65
CA HIS A 172 0.64 9.08 -7.96
C HIS A 172 1.01 10.53 -8.27
N PRO A 173 2.15 10.78 -8.94
CA PRO A 173 2.51 12.15 -9.33
C PRO A 173 1.41 12.91 -10.09
N PHE A 174 0.72 12.20 -10.98
CA PHE A 174 -0.39 12.83 -11.74
C PHE A 174 -1.43 13.35 -10.74
N ILE A 175 -1.76 12.53 -9.74
CA ILE A 175 -2.88 12.81 -8.80
C ILE A 175 -2.47 13.92 -7.85
N THR A 176 -1.22 13.97 -7.37
N THR A 176 -1.21 13.92 -7.41
CA THR A 176 -0.83 15.14 -6.53
CA THR A 176 -0.63 15.07 -6.66
C THR A 176 -1.03 16.43 -7.36
C THR A 176 -1.00 16.38 -7.37
N SER A 177 -0.71 16.42 -8.66
CA SER A 177 -0.85 17.65 -9.50
C SER A 177 -2.34 17.90 -9.76
N MET A 178 -3.12 16.83 -9.98
CA MET A 178 -4.55 17.02 -10.28
C MET A 178 -5.26 17.53 -9.03
N VAL A 179 -4.97 16.97 -7.83
CA VAL A 179 -5.66 17.44 -6.59
C VAL A 179 -5.27 18.92 -6.32
N ARG A 180 -4.01 19.26 -6.56
CA ARG A 180 -3.49 20.62 -6.25
C ARG A 180 -4.10 21.59 -7.26
N ALA A 181 -4.25 21.19 -8.51
CA ALA A 181 -4.89 22.04 -9.54
C ALA A 181 -6.38 22.24 -9.23
N LEU A 182 -7.09 21.17 -8.84
CA LEU A 182 -8.51 21.31 -8.43
C LEU A 182 -8.58 22.25 -7.24
N ASP A 183 -7.62 22.21 -6.34
CA ASP A 183 -7.65 23.09 -5.12
C ASP A 183 -7.47 24.54 -5.53
N GLU A 184 -6.52 24.79 -6.45
CA GLU A 184 -6.28 26.15 -6.98
C GLU A 184 -7.55 26.65 -7.65
N ALA A 185 -8.18 25.84 -8.51
CA ALA A 185 -9.32 26.32 -9.33
C ALA A 185 -10.42 26.67 -8.35
N MET A 186 -10.61 25.85 -7.31
CA MET A 186 -11.78 26.10 -6.43
C MET A 186 -11.48 27.21 -5.42
N ASN A 187 -10.23 27.38 -5.00
CA ASN A 187 -9.88 28.49 -4.07
C ASN A 187 -9.91 29.81 -4.86
N LYS A 188 -9.53 29.82 -6.14
CA LYS A 188 -9.35 31.09 -6.91
C LYS A 188 -10.67 31.84 -7.03
N LEU A 189 -11.80 31.14 -7.10
CA LEU A 189 -13.08 31.85 -7.35
C LEU A 189 -13.51 32.60 -6.06
N GLN A 190 -12.83 32.37 -4.93
CA GLN A 190 -13.17 33.07 -3.66
C GLN A 190 -12.35 34.35 -3.52
N ARG A 191 -11.28 34.53 -4.28
CA ARG A 191 -10.29 35.60 -3.99
C ARG A 191 -10.85 36.97 -4.31
N ALA A 192 -10.94 37.83 -3.28
CA ALA A 192 -11.38 39.23 -3.42
C ALA A 192 -10.34 40.00 -4.25
N ASN A 193 -9.05 39.69 -4.12
CA ASN A 193 -7.94 40.34 -4.89
C ASN A 193 -7.04 39.28 -5.53
N PRO A 194 -7.43 38.74 -6.70
CA PRO A 194 -6.73 37.60 -7.31
C PRO A 194 -5.25 37.87 -7.70
N ASP A 195 -4.91 39.15 -7.93
CA ASP A 195 -3.59 39.70 -8.33
C ASP A 195 -2.63 39.89 -7.12
N ASP A 196 -3.14 39.85 -5.89
CA ASP A 196 -2.31 39.87 -4.65
C ASP A 196 -1.09 39.01 -4.92
N PRO A 197 0.13 39.52 -4.68
CA PRO A 197 1.35 38.70 -4.68
C PRO A 197 1.35 37.44 -3.80
N ALA A 198 0.47 37.38 -2.80
CA ALA A 198 0.23 36.20 -1.94
C ALA A 198 -0.11 34.99 -2.81
N TYR A 199 -0.64 35.19 -4.03
CA TYR A 199 -1.04 34.07 -4.90
C TYR A 199 -0.02 33.81 -6.00
N ASP A 200 1.11 34.52 -6.00
CA ASP A 200 2.12 34.30 -7.08
C ASP A 200 2.59 32.84 -7.10
N GLU A 201 2.87 32.30 -5.91
CA GLU A 201 3.39 30.93 -5.78
C GLU A 201 2.29 29.96 -6.24
N ASN A 202 1.06 30.12 -5.77
CA ASN A 202 -0.11 29.32 -6.21
C ASN A 202 -0.17 29.32 -7.76
N LYS A 203 -0.08 30.50 -8.38
CA LYS A 203 -0.15 30.60 -9.88
C LYS A 203 1.03 29.83 -10.52
N ARG A 204 2.26 29.98 -10.01
CA ARG A 204 3.46 29.28 -10.55
C ARG A 204 3.20 27.79 -10.46
N GLN A 205 2.77 27.33 -9.29
CA GLN A 205 2.55 25.89 -9.01
C GLN A 205 1.47 25.38 -9.95
N PHE A 206 0.40 26.18 -10.14
CA PHE A 206 -0.71 25.76 -11.03
C PHE A 206 -0.12 25.50 -12.42
N GLN A 207 0.68 26.42 -13.01
CA GLN A 207 1.22 26.19 -14.38
C GLN A 207 2.06 24.91 -14.38
N GLU A 208 2.78 24.65 -13.30
CA GLU A 208 3.66 23.47 -13.16
C GLU A 208 2.75 22.23 -13.19
N ASP A 209 1.59 22.29 -12.53
CA ASP A 209 0.72 21.12 -12.33
C ASP A 209 0.04 20.80 -13.67
N ILE A 210 -0.36 21.84 -14.40
CA ILE A 210 -0.92 21.69 -15.78
C ILE A 210 0.13 20.97 -16.62
N LYS A 211 1.40 21.39 -16.55
CA LYS A 211 2.46 20.76 -17.41
C LYS A 211 2.58 19.28 -17.03
N VAL A 212 2.54 18.98 -15.73
CA VAL A 212 2.71 17.58 -15.29
C VAL A 212 1.57 16.72 -15.83
N MET A 213 0.34 17.22 -15.69
CA MET A 213 -0.81 16.39 -16.11
C MET A 213 -0.73 16.15 -17.64
N ASN A 214 -0.43 17.20 -18.41
CA ASN A 214 -0.34 17.15 -19.88
C ASN A 214 0.77 16.19 -20.30
N ASP A 215 2.00 16.38 -19.77
CA ASP A 215 3.19 15.52 -20.09
C ASP A 215 2.85 14.04 -19.83
N LEU A 216 2.29 13.75 -18.67
CA LEU A 216 2.04 12.35 -18.24
C LEU A 216 0.92 11.73 -19.10
N VAL A 217 -0.17 12.44 -19.32
CA VAL A 217 -1.29 11.86 -20.11
C VAL A 217 -0.87 11.81 -21.59
N ASP A 218 -0.12 12.81 -22.08
CA ASP A 218 0.34 12.78 -23.49
C ASP A 218 1.24 11.54 -23.69
N LYS A 219 2.04 11.16 -22.67
CA LYS A 219 2.96 9.97 -22.75
C LYS A 219 2.13 8.67 -22.70
N ILE A 220 1.08 8.61 -21.88
CA ILE A 220 0.15 7.44 -21.91
C ILE A 220 -0.34 7.25 -23.35
N ILE A 221 -0.81 8.34 -23.98
CA ILE A 221 -1.46 8.24 -25.33
C ILE A 221 -0.41 7.77 -26.33
N ALA A 222 0.78 8.41 -26.35
CA ALA A 222 1.87 8.14 -27.31
C ALA A 222 2.38 6.69 -27.12
N ASP A 223 2.56 6.22 -25.87
CA ASP A 223 2.98 4.82 -25.57
C ASP A 223 1.92 3.83 -26.10
N ARG A 224 0.63 4.15 -25.96
CA ARG A 224 -0.44 3.28 -26.50
C ARG A 224 -0.40 3.27 -28.04
N LYS A 225 -0.26 4.42 -28.67
CA LYS A 225 -0.15 4.47 -30.15
C LYS A 225 1.10 3.71 -30.63
N ALA A 226 2.19 3.73 -29.87
CA ALA A 226 3.47 3.09 -30.26
C ALA A 226 3.33 1.56 -30.20
N SER A 227 2.62 1.03 -29.19
CA SER A 227 2.53 -0.43 -28.96
C SER A 227 1.57 -1.07 -29.99
N GLY A 228 0.50 -0.37 -30.38
CA GLY A 228 -0.57 -0.94 -31.22
C GLY A 228 -1.63 -1.67 -30.41
N GLU A 229 -1.41 -1.86 -29.09
CA GLU A 229 -2.28 -2.72 -28.24
C GLU A 229 -3.72 -2.16 -28.22
N GLN A 230 -4.65 -3.10 -28.21
CA GLN A 230 -6.10 -2.89 -28.42
C GLN A 230 -6.87 -3.36 -27.18
N SER A 231 -6.48 -2.89 -25.97
CA SER A 231 -7.25 -3.15 -24.72
C SER A 231 -8.66 -2.56 -24.89
N ASP A 232 -9.66 -3.15 -24.25
CA ASP A 232 -11.07 -2.69 -24.31
C ASP A 232 -11.27 -1.63 -23.22
N ASP A 233 -10.67 -0.48 -23.47
CA ASP A 233 -10.75 0.64 -22.53
C ASP A 233 -11.18 1.88 -23.33
N LEU A 234 -11.53 2.94 -22.63
CA LEU A 234 -11.94 4.21 -23.24
C LEU A 234 -10.83 4.74 -24.14
N LEU A 235 -9.56 4.55 -23.79
CA LEU A 235 -8.47 5.11 -24.63
C LEU A 235 -8.53 4.42 -26.00
N THR A 236 -8.68 3.11 -26.05
CA THR A 236 -8.76 2.36 -27.34
C THR A 236 -9.93 2.95 -28.13
N HIS A 237 -11.08 3.09 -27.48
CA HIS A 237 -12.35 3.56 -28.13
C HIS A 237 -12.05 4.94 -28.74
N MET A 238 -11.38 5.83 -27.98
CA MET A 238 -11.05 7.20 -28.47
C MET A 238 -10.00 7.17 -29.60
N LEU A 239 -9.04 6.26 -29.58
CA LEU A 239 -8.00 6.24 -30.66
C LEU A 239 -8.60 5.74 -31.95
N ASN A 240 -9.64 4.93 -31.86
CA ASN A 240 -10.13 4.18 -33.03
C ASN A 240 -11.45 4.79 -33.53
N GLY A 241 -12.23 5.45 -32.67
CA GLY A 241 -13.65 5.74 -32.93
C GLY A 241 -13.74 6.95 -33.84
N LYS A 242 -14.76 7.00 -34.66
CA LYS A 242 -15.06 8.10 -35.59
C LYS A 242 -16.42 8.63 -35.21
N ASP A 243 -16.53 9.95 -35.17
CA ASP A 243 -17.81 10.65 -35.09
C ASP A 243 -18.60 10.45 -36.37
N PRO A 244 -19.83 9.90 -36.32
CA PRO A 244 -20.65 9.70 -37.51
C PRO A 244 -20.94 11.02 -38.23
N GLU A 245 -21.02 12.12 -37.45
CA GLU A 245 -21.45 13.39 -38.07
C GLU A 245 -20.30 13.96 -38.91
N THR A 246 -19.19 14.30 -38.25
CA THR A 246 -18.04 14.90 -38.95
C THR A 246 -17.27 13.83 -39.73
N GLY A 247 -17.41 12.56 -39.33
CA GLY A 247 -16.58 11.43 -39.78
C GLY A 247 -15.17 11.45 -39.23
N GLU A 248 -14.87 12.33 -38.26
CA GLU A 248 -13.50 12.54 -37.72
C GLU A 248 -13.34 11.79 -36.39
N PRO A 249 -12.12 11.30 -36.08
CA PRO A 249 -11.77 10.84 -34.73
C PRO A 249 -11.33 12.07 -33.90
N LEU A 250 -11.28 11.90 -32.57
CA LEU A 250 -10.67 12.90 -31.68
C LEU A 250 -9.18 13.00 -31.99
N ASP A 251 -8.63 14.22 -31.91
CA ASP A 251 -7.18 14.39 -32.02
C ASP A 251 -6.56 14.10 -30.65
N ASP A 252 -5.24 13.97 -30.64
CA ASP A 252 -4.52 13.51 -29.42
C ASP A 252 -4.64 14.52 -28.28
N GLU A 253 -4.83 15.79 -28.58
CA GLU A 253 -4.91 16.83 -27.55
C GLU A 253 -6.27 16.69 -26.86
N ASN A 254 -7.31 16.47 -27.67
CA ASN A 254 -8.67 16.35 -27.06
C ASN A 254 -8.74 15.04 -26.25
N ILE A 255 -8.19 13.94 -26.78
CA ILE A 255 -8.17 12.68 -25.99
C ILE A 255 -7.49 12.95 -24.62
N ARG A 256 -6.38 13.69 -24.59
CA ARG A 256 -5.71 14.00 -23.30
C ARG A 256 -6.73 14.69 -22.39
N TYR A 257 -7.45 15.72 -22.90
CA TYR A 257 -8.46 16.40 -22.06
C TYR A 257 -9.55 15.41 -21.58
N GLN A 258 -9.98 14.47 -22.43
CA GLN A 258 -11.01 13.54 -22.00
C GLN A 258 -10.42 12.68 -20.85
N ILE A 259 -9.20 12.21 -20.99
CA ILE A 259 -8.59 11.35 -19.92
C ILE A 259 -8.50 12.15 -18.61
N ILE A 260 -7.97 13.37 -18.69
CA ILE A 260 -7.89 14.21 -17.47
C ILE A 260 -9.30 14.30 -16.86
N THR A 261 -10.28 14.57 -17.71
CA THR A 261 -11.69 14.71 -17.27
C THR A 261 -12.19 13.43 -16.56
N PHE A 262 -11.95 12.27 -17.11
CA PHE A 262 -12.41 11.03 -16.47
C PHE A 262 -11.69 10.83 -15.17
N LEU A 263 -10.40 11.20 -15.10
CA LEU A 263 -9.65 11.00 -13.82
C LEU A 263 -10.18 11.95 -12.75
N ILE A 264 -10.51 13.18 -13.11
CA ILE A 264 -11.14 14.11 -12.13
C ILE A 264 -12.44 13.47 -11.69
N ALA A 265 -13.27 12.98 -12.60
CA ALA A 265 -14.60 12.45 -12.21
C ALA A 265 -14.42 11.28 -11.24
N GLY A 266 -13.64 10.29 -11.62
CA GLY A 266 -13.52 9.11 -10.75
C GLY A 266 -12.99 9.40 -9.38
N HIS A 267 -11.95 10.27 -9.30
CA HIS A 267 -11.36 10.71 -8.02
C HIS A 267 -12.41 11.44 -7.18
N GLU A 268 -13.20 12.32 -7.78
CA GLU A 268 -14.02 13.30 -6.99
C GLU A 268 -15.45 12.82 -6.71
N THR A 269 -16.12 12.04 -7.59
CA THR A 269 -17.57 11.94 -7.51
C THR A 269 -18.05 10.63 -6.86
N THR A 270 -17.83 9.51 -7.52
CA THR A 270 -18.39 8.24 -7.07
C THR A 270 -17.85 7.96 -5.66
N SER A 271 -16.59 8.34 -5.40
CA SER A 271 -16.06 8.13 -4.02
C SER A 271 -16.87 8.92 -2.97
N GLY A 272 -17.30 10.14 -3.27
CA GLY A 272 -18.20 10.91 -2.39
C GLY A 272 -19.52 10.17 -2.17
N LEU A 273 -20.09 9.70 -3.25
CA LEU A 273 -21.41 9.00 -3.19
C LEU A 273 -21.25 7.80 -2.25
N LEU A 274 -20.23 6.96 -2.46
CA LEU A 274 -20.08 5.78 -1.62
C LEU A 274 -19.88 6.17 -0.15
N SER A 275 -19.11 7.24 0.05
CA SER A 275 -18.81 7.70 1.42
C SER A 275 -20.13 8.12 2.06
N PHE A 276 -20.91 8.95 1.38
CA PHE A 276 -22.20 9.42 1.95
C PHE A 276 -23.16 8.26 2.19
N ALA A 277 -23.16 7.32 1.25
CA ALA A 277 -24.08 6.18 1.39
C ALA A 277 -23.70 5.40 2.63
N LEU A 278 -22.43 5.12 2.85
CA LEU A 278 -22.07 4.32 4.07
C LEU A 278 -22.36 5.13 5.34
N TYR A 279 -22.16 6.46 5.28
CA TYR A 279 -22.53 7.36 6.39
C TYR A 279 -24.02 7.17 6.70
N PHE A 280 -24.89 7.32 5.71
CA PHE A 280 -26.34 7.24 6.00
C PHE A 280 -26.68 5.82 6.47
N LEU A 281 -26.06 4.80 5.91
CA LEU A 281 -26.34 3.44 6.41
C LEU A 281 -25.96 3.27 7.87
N VAL A 282 -24.79 3.71 8.34
CA VAL A 282 -24.43 3.46 9.75
C VAL A 282 -25.31 4.34 10.67
N LYS A 283 -25.82 5.46 10.17
CA LYS A 283 -26.71 6.34 10.95
C LYS A 283 -28.17 5.84 10.95
N ASN A 284 -28.52 4.87 10.08
CA ASN A 284 -29.91 4.41 9.86
C ASN A 284 -29.93 2.90 9.85
N PRO A 285 -29.74 2.25 11.02
CA PRO A 285 -29.56 0.78 11.08
C PRO A 285 -30.70 0.00 10.44
N HIS A 286 -31.96 0.50 10.46
CA HIS A 286 -33.07 -0.21 9.78
C HIS A 286 -32.77 -0.31 8.29
N VAL A 287 -32.29 0.80 7.72
CA VAL A 287 -31.97 0.86 6.29
C VAL A 287 -30.81 -0.08 6.02
N LEU A 288 -29.76 -0.03 6.87
N LEU A 288 -29.77 -0.03 6.87
CA LEU A 288 -28.59 -0.89 6.67
CA LEU A 288 -28.57 -0.89 6.68
C LEU A 288 -29.05 -2.36 6.65
C LEU A 288 -29.03 -2.36 6.66
N GLN A 289 -29.91 -2.76 7.57
CA GLN A 289 -30.36 -4.17 7.62
C GLN A 289 -31.04 -4.52 6.31
N LYS A 290 -31.92 -3.64 5.77
CA LYS A 290 -32.68 -4.03 4.56
C LYS A 290 -31.71 -4.13 3.38
N ALA A 291 -30.73 -3.23 3.31
CA ALA A 291 -29.71 -3.26 2.24
C ALA A 291 -28.83 -4.49 2.41
N ALA A 292 -28.41 -4.83 3.63
CA ALA A 292 -27.50 -5.97 3.85
C ALA A 292 -28.27 -7.29 3.54
N GLU A 293 -29.55 -7.33 3.80
CA GLU A 293 -30.36 -8.53 3.49
C GLU A 293 -30.35 -8.75 1.99
N GLU A 294 -30.52 -7.69 1.20
CA GLU A 294 -30.57 -7.84 -0.28
C GLU A 294 -29.18 -8.31 -0.77
N ALA A 295 -28.11 -7.66 -0.27
CA ALA A 295 -26.74 -8.00 -0.68
C ALA A 295 -26.57 -9.51 -0.42
N ALA A 296 -26.94 -9.99 0.77
CA ALA A 296 -26.66 -11.40 1.15
C ALA A 296 -27.43 -12.31 0.19
N ARG A 297 -28.67 -11.95 -0.12
CA ARG A 297 -29.58 -12.88 -0.84
C ARG A 297 -29.19 -12.91 -2.31
N VAL A 298 -28.75 -11.75 -2.82
CA VAL A 298 -28.51 -11.62 -4.29
C VAL A 298 -27.08 -12.04 -4.64
N LEU A 299 -26.08 -11.61 -3.87
CA LEU A 299 -24.66 -11.85 -4.25
C LEU A 299 -24.21 -13.24 -3.75
N VAL A 300 -24.70 -14.28 -4.38
CA VAL A 300 -24.56 -15.67 -3.87
C VAL A 300 -23.20 -16.24 -4.26
N ASP A 301 -22.44 -15.56 -5.13
CA ASP A 301 -21.17 -16.10 -5.64
C ASP A 301 -20.01 -15.23 -5.16
N PRO A 302 -18.82 -15.78 -5.00
CA PRO A 302 -17.72 -14.99 -4.45
C PRO A 302 -17.33 -13.79 -5.33
N VAL A 303 -17.55 -13.94 -6.63
CA VAL A 303 -17.35 -12.88 -7.67
C VAL A 303 -18.74 -12.48 -8.14
N PRO A 304 -19.20 -11.26 -7.81
CA PRO A 304 -20.46 -10.77 -8.33
C PRO A 304 -20.43 -10.73 -9.86
N SER A 305 -21.55 -11.14 -10.43
CA SER A 305 -21.82 -10.98 -11.88
C SER A 305 -22.50 -9.62 -12.16
N TYR A 306 -22.45 -9.22 -13.42
CA TYR A 306 -23.23 -8.07 -13.94
C TYR A 306 -24.73 -8.22 -13.59
N LYS A 307 -25.34 -9.35 -13.92
CA LYS A 307 -26.78 -9.61 -13.70
C LYS A 307 -27.11 -9.49 -12.21
N GLN A 308 -26.22 -9.98 -11.35
CA GLN A 308 -26.48 -9.89 -9.89
C GLN A 308 -26.49 -8.41 -9.47
N VAL A 309 -25.54 -7.62 -9.94
CA VAL A 309 -25.49 -6.19 -9.54
C VAL A 309 -26.79 -5.51 -9.99
N LYS A 310 -27.33 -5.84 -11.17
CA LYS A 310 -28.62 -5.23 -11.61
C LYS A 310 -29.79 -5.60 -10.66
N GLN A 311 -29.71 -6.68 -9.92
CA GLN A 311 -30.77 -7.15 -9.02
C GLN A 311 -30.74 -6.40 -7.70
N LEU A 312 -29.71 -5.57 -7.45
CA LEU A 312 -29.57 -4.91 -6.13
C LEU A 312 -30.42 -3.62 -6.15
N LYS A 313 -31.74 -3.80 -6.17
N LYS A 313 -31.74 -3.78 -6.16
CA LYS A 313 -32.77 -2.73 -6.27
CA LYS A 313 -32.66 -2.63 -6.33
C LYS A 313 -32.60 -1.78 -5.08
C LYS A 313 -32.59 -1.74 -5.07
N TYR A 314 -32.61 -2.32 -3.87
CA TYR A 314 -32.62 -1.47 -2.66
C TYR A 314 -31.26 -0.76 -2.52
N VAL A 315 -30.18 -1.47 -2.77
CA VAL A 315 -28.85 -0.82 -2.79
C VAL A 315 -28.90 0.40 -3.70
N GLY A 316 -29.51 0.25 -4.86
CA GLY A 316 -29.68 1.39 -5.81
C GLY A 316 -30.50 2.53 -5.21
N MET A 317 -31.51 2.16 -4.45
CA MET A 317 -32.42 3.13 -3.75
C MET A 317 -31.59 3.88 -2.70
N VAL A 318 -30.76 3.17 -1.97
CA VAL A 318 -29.87 3.78 -0.97
C VAL A 318 -28.98 4.80 -1.66
N LEU A 319 -28.41 4.43 -2.81
CA LEU A 319 -27.48 5.34 -3.53
C LEU A 319 -28.25 6.57 -4.02
N ASN A 320 -29.45 6.39 -4.57
CA ASN A 320 -30.29 7.54 -4.97
C ASN A 320 -30.63 8.41 -3.81
N GLU A 321 -30.93 7.83 -2.64
CA GLU A 321 -31.32 8.70 -1.50
C GLU A 321 -30.08 9.46 -1.01
N ALA A 322 -28.91 8.81 -1.03
CA ALA A 322 -27.67 9.52 -0.69
C ALA A 322 -27.43 10.65 -1.71
N LEU A 323 -27.67 10.42 -2.99
CA LEU A 323 -27.56 11.50 -4.00
C LEU A 323 -28.61 12.57 -3.80
N ARG A 324 -29.75 12.21 -3.25
CA ARG A 324 -30.77 13.25 -2.99
C ARG A 324 -30.20 14.20 -1.93
N LEU A 325 -29.83 13.70 -0.76
CA LEU A 325 -29.42 14.59 0.35
C LEU A 325 -28.07 15.27 0.05
N TRP A 326 -27.12 14.58 -0.54
CA TRP A 326 -25.76 15.13 -0.75
C TRP A 326 -25.27 14.79 -2.16
N PRO A 327 -25.83 15.47 -3.18
CA PRO A 327 -25.38 15.27 -4.55
C PRO A 327 -23.94 15.73 -4.62
N THR A 328 -23.02 14.81 -4.83
N THR A 328 -23.04 14.80 -4.87
CA THR A 328 -21.58 15.11 -4.57
CA THR A 328 -21.59 15.02 -4.63
C THR A 328 -21.07 16.15 -5.57
C THR A 328 -21.08 16.11 -5.57
N ALA A 329 -21.64 16.21 -6.77
CA ALA A 329 -21.40 17.35 -7.70
C ALA A 329 -22.61 18.29 -7.57
N PRO A 330 -22.52 19.34 -6.74
CA PRO A 330 -23.74 19.90 -6.15
C PRO A 330 -24.38 21.04 -6.95
N ALA A 331 -23.79 21.40 -8.09
CA ALA A 331 -24.34 22.56 -8.83
C ALA A 331 -24.07 22.39 -10.30
N PHE A 332 -24.94 22.98 -11.08
CA PHE A 332 -24.61 23.21 -12.51
C PHE A 332 -25.21 24.53 -12.93
N SER A 333 -24.68 25.04 -14.04
CA SER A 333 -24.93 26.43 -14.46
C SER A 333 -25.55 26.42 -15.87
N LEU A 334 -26.42 27.41 -16.13
CA LEU A 334 -27.16 27.51 -17.41
C LEU A 334 -27.09 28.98 -17.84
N TYR A 335 -27.18 29.22 -19.14
CA TYR A 335 -27.45 30.59 -19.65
C TYR A 335 -28.71 30.57 -20.49
N ALA A 336 -29.35 31.71 -20.55
CA ALA A 336 -30.56 31.97 -21.34
C ALA A 336 -30.17 32.10 -22.83
N LYS A 337 -30.66 31.21 -23.68
CA LYS A 337 -30.36 31.28 -25.13
C LYS A 337 -30.94 32.54 -25.73
N GLU A 338 -32.08 33.00 -25.20
CA GLU A 338 -32.77 34.23 -25.67
C GLU A 338 -33.46 34.88 -24.47
N ASP A 339 -33.92 36.12 -24.65
CA ASP A 339 -34.75 36.78 -23.62
C ASP A 339 -35.89 35.81 -23.30
N THR A 340 -36.26 35.74 -22.02
CA THR A 340 -37.28 34.77 -21.58
C THR A 340 -37.70 35.16 -20.18
N VAL A 341 -38.90 34.76 -19.79
CA VAL A 341 -39.36 35.05 -18.41
C VAL A 341 -39.34 33.72 -17.66
N LEU A 342 -38.61 33.67 -16.57
CA LEU A 342 -38.58 32.49 -15.71
C LEU A 342 -39.76 32.54 -14.70
N GLY A 343 -40.57 31.50 -14.71
CA GLY A 343 -41.53 31.31 -13.60
C GLY A 343 -42.67 32.30 -13.65
N GLY A 344 -42.88 32.92 -14.81
CA GLY A 344 -43.85 34.01 -15.00
C GLY A 344 -43.50 35.25 -14.27
N GLU A 345 -42.33 35.32 -13.60
CA GLU A 345 -42.08 36.39 -12.62
C GLU A 345 -40.72 37.07 -12.85
N TYR A 346 -39.72 36.37 -13.40
CA TYR A 346 -38.33 36.89 -13.40
C TYR A 346 -37.85 37.02 -14.83
N PRO A 347 -37.88 38.26 -15.38
N PRO A 347 -37.99 38.20 -15.46
CA PRO A 347 -37.38 38.47 -16.75
CA PRO A 347 -37.47 38.38 -16.82
C PRO A 347 -35.87 38.24 -16.82
C PRO A 347 -35.94 38.27 -16.86
N LEU A 348 -35.48 37.47 -17.81
CA LEU A 348 -34.05 37.26 -18.12
C LEU A 348 -33.77 37.76 -19.53
N GLU A 349 -32.58 38.30 -19.70
CA GLU A 349 -32.03 38.69 -21.00
C GLU A 349 -31.19 37.53 -21.51
N LYS A 350 -31.20 37.37 -22.82
CA LYS A 350 -30.18 36.56 -23.52
C LYS A 350 -28.83 36.65 -22.79
N GLY A 351 -28.24 35.49 -22.45
CA GLY A 351 -26.90 35.39 -21.87
C GLY A 351 -26.97 35.33 -20.34
N ASP A 352 -28.11 35.66 -19.72
CA ASP A 352 -28.20 35.72 -18.25
C ASP A 352 -27.92 34.32 -17.73
N GLU A 353 -27.10 34.22 -16.67
N GLU A 353 -27.25 34.27 -16.59
CA GLU A 353 -26.75 32.92 -16.04
CA GLU A 353 -26.81 33.00 -15.98
C GLU A 353 -27.75 32.56 -14.93
C GLU A 353 -27.67 32.57 -14.78
N LEU A 354 -27.86 31.25 -14.67
CA LEU A 354 -28.56 30.63 -13.53
C LEU A 354 -27.64 29.60 -12.93
N MET A 355 -27.69 29.43 -11.61
CA MET A 355 -26.99 28.32 -10.95
C MET A 355 -28.09 27.44 -10.35
N VAL A 356 -28.02 26.13 -10.57
CA VAL A 356 -28.96 25.16 -9.94
C VAL A 356 -28.28 24.60 -8.71
N LEU A 357 -28.86 24.86 -7.54
CA LEU A 357 -28.33 24.37 -6.25
C LEU A 357 -28.96 23.01 -5.97
N ILE A 358 -28.31 21.96 -6.43
CA ILE A 358 -28.96 20.62 -6.46
C ILE A 358 -29.35 20.21 -5.05
N PRO A 359 -28.53 20.48 -3.99
CA PRO A 359 -28.95 19.95 -2.68
C PRO A 359 -30.27 20.59 -2.22
N GLN A 360 -30.53 21.83 -2.65
CA GLN A 360 -31.77 22.54 -2.28
C GLN A 360 -32.96 22.05 -3.11
N LEU A 361 -32.76 21.85 -4.41
CA LEU A 361 -33.77 21.16 -5.27
C LEU A 361 -34.28 19.91 -4.55
N HIS A 362 -33.35 19.13 -4.06
CA HIS A 362 -33.61 17.80 -3.44
C HIS A 362 -34.22 17.91 -2.06
N ARG A 363 -34.40 19.15 -1.57
CA ARG A 363 -35.05 19.42 -0.28
C ARG A 363 -36.37 20.16 -0.48
N ASP A 364 -36.85 20.28 -1.70
CA ASP A 364 -38.10 21.01 -1.99
C ASP A 364 -39.27 20.27 -1.36
N LYS A 365 -39.87 20.81 -0.30
CA LYS A 365 -40.92 20.05 0.43
C LYS A 365 -42.17 19.85 -0.44
N THR A 366 -42.39 20.71 -1.43
CA THR A 366 -43.58 20.60 -2.31
C THR A 366 -43.46 19.35 -3.18
N ILE A 367 -42.25 18.82 -3.30
CA ILE A 367 -41.98 17.57 -4.08
C ILE A 367 -41.88 16.38 -3.12
N TRP A 368 -41.07 16.52 -2.08
CA TRP A 368 -40.62 15.34 -1.28
C TRP A 368 -41.44 15.17 -0.01
N GLY A 369 -42.18 16.20 0.42
CA GLY A 369 -42.94 16.12 1.68
C GLY A 369 -42.13 16.71 2.82
N ASP A 370 -42.69 16.66 4.00
CA ASP A 370 -42.16 17.38 5.18
C ASP A 370 -40.86 16.75 5.69
N ASP A 371 -40.65 15.46 5.50
CA ASP A 371 -39.55 14.65 6.09
C ASP A 371 -38.28 14.75 5.21
N VAL A 372 -38.02 15.86 4.49
CA VAL A 372 -36.93 15.96 3.49
C VAL A 372 -35.52 15.66 4.06
N GLU A 373 -35.28 15.88 5.35
CA GLU A 373 -33.94 15.65 5.92
C GLU A 373 -33.74 14.20 6.30
N GLU A 374 -34.78 13.38 6.33
CA GLU A 374 -34.68 11.96 6.70
C GLU A 374 -34.13 11.16 5.52
N PHE A 375 -33.36 10.16 5.86
CA PHE A 375 -32.75 9.24 4.90
C PHE A 375 -33.70 8.06 4.77
N ARG A 376 -34.46 8.02 3.68
N ARG A 376 -34.52 8.08 3.70
CA ARG A 376 -35.54 7.04 3.44
CA ARG A 376 -35.59 7.10 3.41
C ARG A 376 -35.46 6.57 2.00
C ARG A 376 -35.44 6.59 1.97
N PRO A 377 -34.66 5.52 1.72
CA PRO A 377 -34.55 4.99 0.37
C PRO A 377 -35.89 4.60 -0.25
N GLU A 378 -36.88 4.26 0.59
CA GLU A 378 -38.23 3.92 0.12
C GLU A 378 -38.84 5.01 -0.78
N ARG A 379 -38.36 6.24 -0.71
CA ARG A 379 -38.81 7.34 -1.60
C ARG A 379 -38.62 6.94 -3.06
N PHE A 380 -37.64 6.07 -3.30
CA PHE A 380 -37.24 5.68 -4.66
C PHE A 380 -37.81 4.29 -5.05
N GLU A 381 -38.75 3.71 -4.30
N GLU A 381 -38.73 3.72 -4.25
CA GLU A 381 -39.19 2.30 -4.59
CA GLU A 381 -39.32 2.36 -4.53
C GLU A 381 -40.00 2.30 -5.91
C GLU A 381 -39.86 2.36 -5.97
N ASN A 382 -40.60 3.44 -6.28
CA ASN A 382 -41.45 3.58 -7.49
C ASN A 382 -40.88 4.73 -8.32
N PRO A 383 -39.99 4.44 -9.30
CA PRO A 383 -39.32 5.48 -10.09
C PRO A 383 -40.28 6.46 -10.76
N SER A 384 -41.44 5.93 -11.15
CA SER A 384 -42.57 6.65 -11.81
C SER A 384 -43.00 7.87 -11.02
N ALA A 385 -42.85 7.79 -9.69
CA ALA A 385 -43.46 8.73 -8.75
C ALA A 385 -42.55 9.94 -8.59
N ILE A 386 -41.36 9.96 -9.18
CA ILE A 386 -40.45 11.14 -9.01
C ILE A 386 -40.75 12.06 -10.18
N PRO A 387 -41.28 13.28 -9.95
CA PRO A 387 -41.52 14.21 -11.05
C PRO A 387 -40.28 14.55 -11.86
N GLN A 388 -40.50 14.85 -13.15
CA GLN A 388 -39.44 15.30 -14.08
C GLN A 388 -38.77 16.51 -13.41
N HIS A 389 -37.43 16.50 -13.44
CA HIS A 389 -36.55 17.60 -12.99
C HIS A 389 -36.63 17.79 -11.49
N ALA A 390 -37.16 16.83 -10.75
CA ALA A 390 -37.16 16.86 -9.26
C ALA A 390 -35.84 16.32 -8.70
N PHE A 391 -35.19 15.45 -9.43
CA PHE A 391 -34.02 14.70 -8.91
C PHE A 391 -32.95 14.75 -9.99
N LYS A 392 -31.93 15.56 -9.75
CA LYS A 392 -30.98 15.91 -10.84
C LYS A 392 -29.50 15.81 -10.40
N PRO A 393 -29.10 14.72 -9.71
CA PRO A 393 -27.71 14.63 -9.30
C PRO A 393 -26.71 14.42 -10.44
N PHE A 394 -27.18 14.08 -11.62
CA PHE A 394 -26.37 13.92 -12.84
C PHE A 394 -26.66 15.03 -13.87
N GLY A 395 -27.12 16.22 -13.43
CA GLY A 395 -27.33 17.34 -14.35
C GLY A 395 -28.51 17.08 -15.28
N ASN A 396 -28.45 17.66 -16.48
CA ASN A 396 -29.64 17.85 -17.32
C ASN A 396 -29.35 17.63 -18.81
N GLY A 397 -30.25 16.83 -19.43
CA GLY A 397 -30.38 16.86 -20.88
C GLY A 397 -29.14 16.31 -21.56
N GLN A 398 -28.82 16.83 -22.74
CA GLN A 398 -27.63 16.35 -23.51
C GLN A 398 -26.33 16.64 -22.75
N ARG A 399 -26.35 17.58 -21.81
CA ARG A 399 -25.15 17.90 -21.00
C ARG A 399 -25.18 17.20 -19.64
N ALA A 400 -25.97 16.17 -19.52
CA ALA A 400 -26.01 15.36 -18.30
C ALA A 400 -24.73 14.54 -18.22
N CYS A 401 -24.50 14.01 -17.05
CA CYS A 401 -23.30 13.20 -16.80
C CYS A 401 -23.23 12.01 -17.78
N ILE A 402 -22.19 11.92 -18.55
CA ILE A 402 -22.06 10.76 -19.44
C ILE A 402 -21.68 9.53 -18.60
N GLY A 403 -21.07 9.74 -17.43
CA GLY A 403 -20.59 8.68 -16.53
C GLY A 403 -21.69 8.10 -15.66
N GLN A 404 -22.95 8.48 -15.82
CA GLN A 404 -24.00 8.08 -14.81
C GLN A 404 -24.12 6.57 -14.64
N GLN A 405 -24.16 5.85 -15.75
N GLN A 405 -24.21 5.84 -15.76
CA GLN A 405 -24.32 4.38 -15.69
CA GLN A 405 -24.32 4.37 -15.73
C GLN A 405 -23.08 3.73 -15.09
C GLN A 405 -23.08 3.75 -15.08
N PHE A 406 -21.90 4.27 -15.41
CA PHE A 406 -20.61 3.77 -14.93
C PHE A 406 -20.54 3.93 -13.41
N ALA A 407 -20.84 5.12 -12.94
CA ALA A 407 -20.79 5.48 -11.54
C ALA A 407 -21.77 4.61 -10.75
N LEU A 408 -22.98 4.47 -11.23
CA LEU A 408 -24.00 3.68 -10.48
C LEU A 408 -23.70 2.21 -10.52
N HIS A 409 -23.11 1.74 -11.62
CA HIS A 409 -22.73 0.31 -11.68
C HIS A 409 -21.63 0.05 -10.65
N GLU A 410 -20.57 0.87 -10.66
CA GLU A 410 -19.47 0.69 -9.72
C GLU A 410 -20.01 0.81 -8.26
N ALA A 411 -20.78 1.85 -7.96
CA ALA A 411 -21.23 2.12 -6.59
C ALA A 411 -22.16 1.00 -6.10
N THR A 412 -23.03 0.48 -6.99
CA THR A 412 -23.94 -0.61 -6.59
C THR A 412 -23.11 -1.89 -6.32
N LEU A 413 -22.18 -2.20 -7.20
CA LEU A 413 -21.32 -3.39 -7.02
C LEU A 413 -20.58 -3.32 -5.68
N VAL A 414 -19.92 -2.22 -5.42
CA VAL A 414 -19.00 -2.04 -4.26
C VAL A 414 -19.84 -2.02 -2.99
N LEU A 415 -20.93 -1.25 -2.97
CA LEU A 415 -21.75 -1.18 -1.75
C LEU A 415 -22.36 -2.54 -1.52
N GLY A 416 -22.75 -3.24 -2.57
CA GLY A 416 -23.32 -4.58 -2.33
C GLY A 416 -22.27 -5.48 -1.70
N MET A 417 -21.04 -5.45 -2.22
CA MET A 417 -19.99 -6.31 -1.67
C MET A 417 -19.66 -5.90 -0.24
N MET A 418 -19.60 -4.59 0.05
CA MET A 418 -19.35 -4.14 1.42
C MET A 418 -20.40 -4.73 2.38
N LEU A 419 -21.67 -4.66 2.00
CA LEU A 419 -22.78 -5.07 2.88
C LEU A 419 -22.83 -6.57 2.96
N LYS A 420 -22.31 -7.26 1.95
CA LYS A 420 -22.30 -8.73 2.01
C LYS A 420 -21.23 -9.16 3.01
N HIS A 421 -20.07 -8.52 2.95
CA HIS A 421 -18.86 -9.08 3.60
C HIS A 421 -18.66 -8.57 5.02
N PHE A 422 -19.26 -7.47 5.43
CA PHE A 422 -18.99 -6.90 6.76
C PHE A 422 -20.24 -6.36 7.44
N ASP A 423 -20.18 -6.35 8.78
CA ASP A 423 -20.99 -5.45 9.60
C ASP A 423 -20.19 -4.19 9.92
N PHE A 424 -20.89 -3.11 10.09
CA PHE A 424 -20.24 -1.80 10.28
C PHE A 424 -20.69 -1.18 11.57
N GLU A 425 -19.74 -0.52 12.22
CA GLU A 425 -19.96 0.20 13.47
C GLU A 425 -19.46 1.63 13.32
N ASP A 426 -20.34 2.58 13.66
CA ASP A 426 -20.00 4.01 13.77
C ASP A 426 -19.40 4.19 15.17
N HIS A 427 -18.19 3.70 15.34
CA HIS A 427 -17.59 3.58 16.67
C HIS A 427 -17.28 4.93 17.29
N THR A 428 -17.10 5.99 16.50
CA THR A 428 -16.82 7.35 17.02
C THR A 428 -18.09 8.21 17.12
N ASN A 429 -19.25 7.72 16.71
CA ASN A 429 -20.48 8.54 16.68
C ASN A 429 -20.13 9.76 15.81
N TYR A 430 -19.69 9.48 14.60
CA TYR A 430 -19.16 10.48 13.65
C TYR A 430 -20.12 11.65 13.40
N GLU A 431 -19.62 12.87 13.62
CA GLU A 431 -20.37 14.10 13.32
C GLU A 431 -20.08 14.49 11.83
N LEU A 432 -21.12 14.54 10.98
CA LEU A 432 -20.91 14.80 9.55
C LEU A 432 -20.19 16.15 9.38
N ASP A 433 -19.12 16.16 8.60
CA ASP A 433 -18.30 17.33 8.30
C ASP A 433 -17.99 17.19 6.83
N ILE A 434 -18.60 18.04 6.01
CA ILE A 434 -18.56 17.92 4.54
C ILE A 434 -17.49 18.83 3.99
N LYS A 435 -16.43 18.19 3.47
CA LYS A 435 -15.36 18.90 2.79
C LYS A 435 -15.78 19.21 1.34
N GLU A 436 -15.40 20.37 0.87
CA GLU A 436 -15.71 20.81 -0.51
C GLU A 436 -14.40 20.91 -1.28
N THR A 437 -14.29 20.11 -2.33
CA THR A 437 -13.23 20.23 -3.34
C THR A 437 -13.94 20.69 -4.62
N LEU A 438 -13.76 20.01 -5.75
CA LEU A 438 -14.75 20.13 -6.82
C LEU A 438 -16.09 19.64 -6.26
N THR A 439 -16.04 18.62 -5.43
CA THR A 439 -17.22 17.90 -4.97
C THR A 439 -17.35 17.88 -3.46
N LEU A 440 -18.45 17.28 -3.02
CA LEU A 440 -18.70 17.12 -1.57
C LEU A 440 -18.30 15.74 -1.11
N LYS A 441 -17.60 15.66 0.02
CA LYS A 441 -17.27 14.36 0.64
C LYS A 441 -17.29 14.50 2.15
N PRO A 442 -17.64 13.46 2.93
N PRO A 442 -17.72 13.46 2.86
CA PRO A 442 -17.62 13.52 4.40
CA PRO A 442 -17.42 13.35 4.28
C PRO A 442 -16.25 13.30 5.07
C PRO A 442 -15.91 13.55 4.42
N GLU A 443 -15.54 14.40 5.37
CA GLU A 443 -14.17 14.41 5.88
C GLU A 443 -14.09 13.75 7.28
N GLY A 444 -13.15 12.84 7.46
CA GLY A 444 -12.83 12.30 8.79
C GLY A 444 -13.80 11.17 9.14
N PHE A 445 -14.67 10.76 8.20
CA PHE A 445 -15.61 9.66 8.44
C PHE A 445 -14.82 8.35 8.55
N VAL A 446 -15.00 7.64 9.68
CA VAL A 446 -14.28 6.43 10.02
C VAL A 446 -15.36 5.47 10.55
N VAL A 447 -15.14 4.20 10.32
CA VAL A 447 -15.99 3.11 10.82
C VAL A 447 -15.09 1.94 11.17
N LYS A 448 -15.66 0.98 11.91
CA LYS A 448 -15.00 -0.34 12.12
C LYS A 448 -15.87 -1.33 11.38
N ALA A 449 -15.25 -2.26 10.68
CA ALA A 449 -15.92 -3.34 9.95
C ALA A 449 -15.60 -4.64 10.68
N LYS A 450 -16.63 -5.44 10.94
CA LYS A 450 -16.51 -6.81 11.49
C LYS A 450 -16.84 -7.73 10.32
N SER A 451 -15.88 -8.52 9.93
CA SER A 451 -16.04 -9.50 8.85
C SER A 451 -17.17 -10.48 9.19
N LYS A 452 -18.01 -10.74 8.21
CA LYS A 452 -18.94 -11.87 8.23
C LYS A 452 -18.22 -13.18 7.81
N LYS A 453 -16.94 -13.10 7.47
CA LYS A 453 -16.07 -14.30 7.19
C LYS A 453 -16.66 -15.09 6.02
N ILE A 454 -17.03 -14.39 4.93
CA ILE A 454 -17.55 -15.02 3.67
C ILE A 454 -16.44 -15.00 2.66
N PRO A 455 -16.03 -16.18 2.15
CA PRO A 455 -14.89 -16.25 1.24
C PRO A 455 -15.17 -15.46 -0.05
N LEU A 456 -14.07 -14.92 -0.56
CA LEU A 456 -13.98 -14.42 -1.95
C LEU A 456 -13.49 -15.54 -2.87
N ILE B 3 53.78 -23.65 16.69
CA ILE B 3 52.86 -22.57 17.10
C ILE B 3 53.26 -21.25 16.43
N LYS B 4 52.28 -20.54 15.84
CA LYS B 4 52.48 -19.32 15.01
C LYS B 4 51.89 -18.09 15.71
N GLU B 5 52.39 -16.91 15.31
CA GLU B 5 51.82 -15.60 15.68
C GLU B 5 50.94 -15.14 14.52
N MET B 6 49.73 -14.72 14.81
CA MET B 6 48.76 -14.42 13.71
C MET B 6 48.97 -12.98 13.29
N PRO B 7 48.69 -12.70 12.01
CA PRO B 7 48.74 -11.34 11.53
C PRO B 7 47.67 -10.47 12.20
N GLN B 8 47.84 -9.17 12.04
CA GLN B 8 46.90 -8.17 12.61
C GLN B 8 46.87 -7.00 11.64
N PRO B 9 45.68 -6.49 11.28
CA PRO B 9 45.61 -5.42 10.30
C PRO B 9 46.09 -4.13 10.96
N LYS B 10 46.15 -3.11 10.12
CA LYS B 10 46.78 -1.81 10.48
C LYS B 10 46.04 -1.23 11.67
N THR B 11 46.80 -0.56 12.54
CA THR B 11 46.36 -0.02 13.85
C THR B 11 46.46 1.51 13.83
N PHE B 12 45.79 2.09 14.84
CA PHE B 12 45.41 3.54 14.94
C PHE B 12 45.71 3.97 16.38
N GLY B 13 46.91 3.69 16.86
CA GLY B 13 47.32 4.04 18.23
C GLY B 13 46.43 3.39 19.27
N GLU B 14 45.94 4.17 20.22
CA GLU B 14 45.16 3.68 21.39
C GLU B 14 43.82 3.12 20.89
N LEU B 15 43.33 3.50 19.70
CA LEU B 15 42.05 2.90 19.17
C LEU B 15 42.29 1.53 18.54
N LYS B 16 43.55 1.11 18.39
CA LYS B 16 43.89 -0.22 17.82
C LYS B 16 43.26 -0.39 16.44
N ASN B 17 42.46 -1.46 16.21
CA ASN B 17 41.86 -1.70 14.88
C ASN B 17 40.46 -1.10 14.77
N LEU B 18 39.98 -0.43 15.82
CA LEU B 18 38.56 0.02 15.83
C LEU B 18 38.24 0.86 14.59
N PRO B 19 39.02 1.89 14.19
CA PRO B 19 38.65 2.70 13.02
C PRO B 19 38.53 1.95 11.71
N LEU B 20 38.93 0.67 11.64
CA LEU B 20 38.71 -0.15 10.40
C LEU B 20 37.20 -0.41 10.25
N LEU B 21 36.47 -0.27 11.35
CA LEU B 21 35.01 -0.47 11.36
C LEU B 21 34.29 0.83 11.02
N ASN B 22 35.01 1.94 10.83
CA ASN B 22 34.36 3.25 10.60
C ASN B 22 34.01 3.28 9.12
N THR B 23 33.01 2.51 8.72
CA THR B 23 32.54 2.38 7.32
C THR B 23 31.09 1.91 7.37
N ASP B 24 30.28 2.12 6.32
N ASP B 24 30.33 2.17 6.31
CA ASP B 24 28.88 1.60 6.31
CA ASP B 24 28.94 1.69 6.28
C ASP B 24 28.92 0.16 5.79
C ASP B 24 29.00 0.17 6.11
N LYS B 25 30.12 -0.36 5.54
CA LYS B 25 30.22 -1.77 5.04
C LYS B 25 31.33 -2.52 5.77
N PRO B 26 31.24 -2.63 7.10
CA PRO B 26 32.30 -3.22 7.88
C PRO B 26 32.54 -4.73 7.69
N VAL B 27 31.50 -5.52 7.45
CA VAL B 27 31.73 -6.95 7.14
C VAL B 27 32.51 -7.06 5.81
N GLN B 28 32.12 -6.30 4.82
CA GLN B 28 32.82 -6.38 3.53
C GLN B 28 34.27 -5.90 3.75
N ALA B 29 34.51 -4.94 4.65
CA ALA B 29 35.88 -4.49 4.93
C ALA B 29 36.63 -5.62 5.62
N LEU B 30 35.96 -6.38 6.51
CA LEU B 30 36.67 -7.49 7.22
C LEU B 30 36.98 -8.63 6.26
N MET B 31 36.10 -8.87 5.29
CA MET B 31 36.32 -9.83 4.20
C MET B 31 37.57 -9.43 3.37
N LYS B 32 37.75 -8.14 3.02
CA LYS B 32 38.92 -7.71 2.24
C LYS B 32 40.20 -7.88 3.10
N ILE B 33 40.08 -7.76 4.41
CA ILE B 33 41.22 -7.97 5.34
C ILE B 33 41.61 -9.43 5.33
N ALA B 34 40.63 -10.32 5.38
CA ALA B 34 40.81 -11.78 5.25
C ALA B 34 41.50 -12.09 3.93
N ASP B 35 41.08 -11.49 2.82
CA ASP B 35 41.77 -11.71 1.53
C ASP B 35 43.25 -11.45 1.73
N GLU B 36 43.60 -10.35 2.40
N GLU B 36 43.60 -10.35 2.42
CA GLU B 36 45.00 -9.91 2.52
CA GLU B 36 45.00 -9.87 2.52
C GLU B 36 45.75 -10.81 3.51
C GLU B 36 45.80 -10.68 3.56
N LEU B 37 45.16 -11.09 4.67
CA LEU B 37 45.88 -11.66 5.82
C LEU B 37 45.74 -13.17 5.99
N GLY B 38 44.68 -13.75 5.44
CA GLY B 38 44.53 -15.21 5.39
C GLY B 38 43.50 -15.72 6.38
N GLU B 39 43.69 -16.97 6.81
CA GLU B 39 42.64 -17.74 7.49
C GLU B 39 42.41 -17.28 8.92
N ILE B 40 43.32 -16.47 9.45
CA ILE B 40 43.19 -16.01 10.86
C ILE B 40 43.88 -14.65 11.00
N PHE B 41 43.21 -13.70 11.67
CA PHE B 41 43.87 -12.43 12.07
C PHE B 41 43.28 -11.97 13.39
N LYS B 42 44.15 -11.35 14.18
CA LYS B 42 43.82 -10.71 15.46
C LYS B 42 43.20 -9.36 15.14
N PHE B 43 42.23 -8.97 15.95
CA PHE B 43 41.54 -7.69 15.71
C PHE B 43 41.30 -7.14 17.09
N GLU B 44 41.84 -5.94 17.37
CA GLU B 44 41.74 -5.41 18.73
C GLU B 44 41.01 -4.07 18.68
N ALA B 45 40.32 -3.82 19.77
CA ALA B 45 39.70 -2.51 20.09
C ALA B 45 39.94 -2.22 21.56
N PRO B 46 39.78 -0.95 22.04
CA PRO B 46 39.99 -0.70 23.47
C PRO B 46 39.05 -1.62 24.28
N GLY B 47 39.64 -2.36 25.23
CA GLY B 47 38.97 -3.37 26.06
C GLY B 47 38.52 -4.62 25.28
N ARG B 48 39.14 -4.97 24.17
CA ARG B 48 38.59 -6.11 23.39
C ARG B 48 39.66 -6.74 22.49
N VAL B 49 39.73 -8.06 22.53
CA VAL B 49 40.52 -8.84 21.53
C VAL B 49 39.61 -9.93 20.94
N THR B 50 39.62 -10.06 19.63
CA THR B 50 38.99 -11.22 18.97
C THR B 50 39.92 -11.70 17.85
N ARG B 51 39.61 -12.86 17.31
CA ARG B 51 40.34 -13.42 16.17
C ARG B 51 39.34 -13.80 15.13
N TYR B 52 39.52 -13.26 13.93
CA TYR B 52 38.66 -13.58 12.77
C TYR B 52 39.16 -14.83 12.06
N LEU B 53 38.27 -15.83 11.99
CA LEU B 53 38.55 -17.08 11.25
C LEU B 53 37.82 -17.09 9.91
N SER B 54 38.49 -17.60 8.89
CA SER B 54 38.03 -17.55 7.48
C SER B 54 38.15 -18.94 6.84
N SER B 55 38.93 -19.83 7.44
CA SER B 55 39.17 -21.17 6.82
C SER B 55 38.33 -22.26 7.50
N GLN B 56 37.91 -23.21 6.68
CA GLN B 56 37.21 -24.43 7.16
C GLN B 56 38.17 -25.16 8.08
N ARG B 57 39.49 -25.14 7.76
CA ARG B 57 40.50 -25.85 8.56
C ARG B 57 40.34 -25.43 10.02
N LEU B 58 40.20 -24.12 10.29
CA LEU B 58 40.11 -23.70 11.72
C LEU B 58 38.67 -23.65 12.20
N ILE B 59 37.73 -23.32 11.31
CA ILE B 59 36.33 -23.17 11.78
C ILE B 59 35.78 -24.54 12.18
N LYS B 60 36.23 -25.61 11.56
CA LYS B 60 35.76 -26.97 11.97
C LYS B 60 36.13 -27.24 13.44
N GLU B 61 37.24 -26.70 13.92
CA GLU B 61 37.61 -26.82 15.35
C GLU B 61 36.79 -25.86 16.19
N ALA B 62 36.56 -24.66 15.70
CA ALA B 62 35.74 -23.65 16.40
C ALA B 62 34.30 -24.21 16.67
N CYS B 63 33.83 -25.09 15.78
CA CYS B 63 32.45 -25.64 15.85
C CYS B 63 32.36 -26.85 16.80
N ASP B 64 33.47 -27.21 17.45
CA ASP B 64 33.47 -28.29 18.45
C ASP B 64 32.85 -27.71 19.72
N GLU B 65 31.62 -28.11 20.06
CA GLU B 65 30.85 -27.58 21.21
C GLU B 65 31.50 -27.93 22.56
N SER B 66 32.34 -28.95 22.62
CA SER B 66 33.06 -29.33 23.86
C SER B 66 34.11 -28.28 24.13
N ARG B 67 34.56 -27.54 23.11
N ARG B 67 34.58 -27.54 23.13
CA ARG B 67 35.73 -26.61 23.24
CA ARG B 67 35.71 -26.60 23.30
C ARG B 67 35.31 -25.15 23.16
C ARG B 67 35.21 -25.15 23.29
N PHE B 68 34.20 -24.85 22.47
CA PHE B 68 33.77 -23.46 22.22
C PHE B 68 32.28 -23.37 22.41
N ASP B 69 31.86 -22.26 23.00
CA ASP B 69 30.43 -21.95 23.21
C ASP B 69 30.11 -20.62 22.55
N LYS B 70 28.84 -20.34 22.32
CA LYS B 70 28.46 -19.05 21.67
C LYS B 70 28.86 -17.87 22.58
N ASN B 71 29.49 -16.91 21.95
CA ASN B 71 29.85 -15.62 22.57
C ASN B 71 28.87 -14.57 22.06
N LEU B 72 28.55 -13.59 22.89
CA LEU B 72 27.87 -12.38 22.35
C LEU B 72 28.93 -11.37 21.84
N SER B 73 29.02 -11.25 20.51
CA SER B 73 29.75 -10.19 19.82
C SER B 73 29.27 -8.83 20.35
N GLN B 74 30.03 -7.78 20.07
CA GLN B 74 29.58 -6.44 20.48
C GLN B 74 28.21 -6.14 19.82
N ALA B 75 28.01 -6.54 18.56
CA ALA B 75 26.73 -6.40 17.85
C ALA B 75 25.60 -6.99 18.68
N LEU B 76 25.81 -8.19 19.21
CA LEU B 76 24.72 -8.88 19.92
C LEU B 76 24.56 -8.29 21.31
N LYS B 77 25.63 -7.76 21.91
CA LYS B 77 25.48 -7.12 23.23
C LYS B 77 24.61 -5.83 23.11
N PHE B 78 24.73 -5.10 22.02
CA PHE B 78 23.99 -3.83 21.80
C PHE B 78 22.55 -4.18 21.38
N VAL B 79 22.37 -5.28 20.65
CA VAL B 79 20.99 -5.72 20.28
C VAL B 79 20.28 -6.24 21.53
N ARG B 80 21.02 -6.82 22.47
CA ARG B 80 20.51 -7.28 23.75
C ARG B 80 19.78 -6.15 24.49
N ASP B 81 20.10 -4.87 24.22
CA ASP B 81 19.40 -3.79 24.94
C ASP B 81 17.91 -3.74 24.55
N PHE B 82 17.50 -4.40 23.47
CA PHE B 82 16.06 -4.52 23.11
C PHE B 82 15.61 -5.99 22.93
N ALA B 83 16.52 -6.90 22.59
CA ALA B 83 16.09 -8.34 22.41
C ALA B 83 16.29 -9.14 23.70
N GLY B 84 16.77 -8.50 24.75
CA GLY B 84 16.90 -9.13 26.05
C GLY B 84 17.53 -10.50 26.04
N ASP B 85 17.02 -11.35 26.92
CA ASP B 85 17.42 -12.75 27.03
C ASP B 85 16.50 -13.59 26.15
N GLY B 86 16.08 -13.04 25.01
CA GLY B 86 15.54 -13.83 23.90
C GLY B 86 16.56 -14.88 23.49
N LEU B 87 16.20 -15.80 22.62
CA LEU B 87 17.12 -16.91 22.28
C LEU B 87 18.39 -16.40 21.62
N PHE B 88 18.32 -15.33 20.83
CA PHE B 88 19.46 -14.92 19.98
C PHE B 88 20.51 -14.18 20.79
N THR B 89 20.09 -13.47 21.82
CA THR B 89 20.99 -12.59 22.62
C THR B 89 21.20 -13.12 24.04
N SER B 90 20.88 -14.39 24.30
N SER B 90 20.83 -14.38 24.29
CA SER B 90 21.11 -15.05 25.61
CA SER B 90 21.04 -15.15 25.56
C SER B 90 22.41 -15.89 25.56
C SER B 90 22.41 -15.86 25.53
N TRP B 91 23.12 -15.89 26.66
CA TRP B 91 24.23 -16.83 26.89
C TRP B 91 23.64 -18.24 27.12
N THR B 92 24.35 -19.25 26.69
CA THR B 92 23.89 -20.65 26.77
C THR B 92 23.63 -21.03 28.23
N HIS B 93 24.35 -20.39 29.17
CA HIS B 93 24.22 -20.71 30.61
C HIS B 93 23.11 -19.93 31.30
N GLU B 94 22.49 -18.96 30.64
CA GLU B 94 21.29 -18.29 31.22
C GLU B 94 20.12 -19.26 31.22
N LYS B 95 19.43 -19.36 32.34
CA LYS B 95 18.30 -20.30 32.49
C LYS B 95 17.28 -20.10 31.39
N ASN B 96 17.04 -18.85 30.98
CA ASN B 96 16.01 -18.60 29.93
C ASN B 96 16.45 -19.12 28.56
N TRP B 97 17.72 -19.35 28.31
CA TRP B 97 18.15 -19.88 27.00
C TRP B 97 17.58 -21.30 26.87
N LYS B 98 17.98 -22.23 27.74
CA LYS B 98 17.60 -23.65 27.55
C LYS B 98 16.09 -23.80 27.73
N LYS B 99 15.49 -23.08 28.67
CA LYS B 99 14.02 -23.10 28.89
C LYS B 99 13.27 -22.70 27.61
N ALA B 100 13.63 -21.58 26.99
CA ALA B 100 12.92 -21.08 25.79
C ALA B 100 13.25 -22.02 24.61
N HIS B 101 14.47 -22.54 24.57
CA HIS B 101 14.88 -23.52 23.53
C HIS B 101 13.99 -24.74 23.62
N ASN B 102 13.88 -25.34 24.77
CA ASN B 102 13.05 -26.56 24.94
C ASN B 102 11.59 -26.26 24.51
N ILE B 103 11.02 -25.13 24.95
CA ILE B 103 9.61 -24.76 24.75
C ILE B 103 9.40 -24.51 23.26
N LEU B 104 10.34 -23.85 22.56
CA LEU B 104 10.15 -23.35 21.18
C LEU B 104 10.61 -24.31 20.10
N LEU B 105 11.46 -25.28 20.39
CA LEU B 105 11.91 -26.23 19.38
C LEU B 105 10.71 -26.83 18.65
N PRO B 106 9.67 -27.39 19.30
CA PRO B 106 8.55 -28.01 18.56
C PRO B 106 7.76 -27.03 17.68
N SER B 107 7.83 -25.73 17.96
CA SER B 107 7.18 -24.63 17.21
C SER B 107 7.96 -24.35 15.92
N PHE B 108 9.16 -24.92 15.80
CA PHE B 108 10.09 -24.57 14.72
C PHE B 108 10.47 -25.77 13.88
N SER B 109 9.87 -26.91 14.14
CA SER B 109 10.20 -28.16 13.43
C SER B 109 9.63 -28.19 12.03
N GLN B 110 10.10 -29.16 11.24
CA GLN B 110 9.49 -29.42 9.91
C GLN B 110 7.99 -29.67 10.09
N GLN B 111 7.61 -30.42 11.11
CA GLN B 111 6.18 -30.72 11.36
C GLN B 111 5.37 -29.44 11.57
N ALA B 112 5.90 -28.48 12.32
CA ALA B 112 5.19 -27.23 12.66
C ALA B 112 4.98 -26.43 11.37
N MET B 113 5.89 -26.58 10.40
CA MET B 113 5.78 -25.83 9.12
C MET B 113 4.48 -26.18 8.40
N LYS B 114 3.93 -27.39 8.62
CA LYS B 114 2.68 -27.73 7.94
C LYS B 114 1.59 -26.78 8.41
N GLY B 115 1.63 -26.39 9.66
CA GLY B 115 0.62 -25.50 10.26
C GLY B 115 0.88 -24.04 9.88
N TYR B 116 2.11 -23.59 9.62
CA TYR B 116 2.39 -22.18 9.23
C TYR B 116 2.19 -22.00 7.72
N HIS B 117 2.16 -23.08 6.97
CA HIS B 117 2.17 -23.06 5.49
C HIS B 117 1.07 -22.12 4.92
N ALA B 118 -0.18 -22.25 5.37
CA ALA B 118 -1.33 -21.50 4.85
C ALA B 118 -1.07 -19.99 5.04
N MET B 119 -0.50 -19.63 6.17
N MET B 119 -0.52 -19.59 6.16
CA MET B 119 -0.19 -18.23 6.53
CA MET B 119 -0.32 -18.15 6.40
C MET B 119 0.90 -17.72 5.57
C MET B 119 0.91 -17.67 5.60
N MET B 120 1.91 -18.53 5.34
CA MET B 120 3.01 -18.15 4.42
C MET B 120 2.44 -17.95 3.02
N VAL B 121 1.54 -18.85 2.59
CA VAL B 121 0.88 -18.73 1.28
C VAL B 121 0.11 -17.41 1.14
N ASP B 122 -0.57 -17.02 2.20
CA ASP B 122 -1.37 -15.79 2.25
C ASP B 122 -0.46 -14.64 1.80
N ILE B 123 0.67 -14.49 2.45
CA ILE B 123 1.57 -13.36 2.13
C ILE B 123 2.23 -13.56 0.76
N ALA B 124 2.63 -14.78 0.41
CA ALA B 124 3.31 -15.00 -0.88
C ALA B 124 2.37 -14.61 -2.01
N VAL B 125 1.11 -15.00 -1.88
CA VAL B 125 0.08 -14.62 -2.88
C VAL B 125 -0.02 -13.10 -2.94
N GLN B 126 0.03 -12.40 -1.79
CA GLN B 126 0.00 -10.93 -1.86
C GLN B 126 1.20 -10.42 -2.70
N LEU B 127 2.38 -11.02 -2.55
CA LEU B 127 3.55 -10.56 -3.32
C LEU B 127 3.30 -10.83 -4.82
N VAL B 128 2.88 -12.03 -5.21
CA VAL B 128 2.63 -12.39 -6.64
C VAL B 128 1.58 -11.43 -7.19
N GLN B 129 0.52 -11.16 -6.44
CA GLN B 129 -0.55 -10.28 -6.96
C GLN B 129 -0.01 -8.84 -7.11
N LYS B 130 0.82 -8.34 -6.19
CA LYS B 130 1.40 -7.01 -6.38
C LYS B 130 2.11 -6.98 -7.75
N TRP B 131 2.92 -8.01 -8.02
CA TRP B 131 3.78 -7.96 -9.22
C TRP B 131 2.93 -8.16 -10.49
N GLU B 132 1.86 -8.96 -10.41
CA GLU B 132 0.88 -9.15 -11.51
C GLU B 132 0.25 -7.78 -11.87
N ARG B 133 0.23 -6.87 -10.92
CA ARG B 133 -0.56 -5.61 -11.01
C ARG B 133 0.34 -4.46 -11.37
N LEU B 134 1.63 -4.68 -11.55
CA LEU B 134 2.54 -3.61 -12.06
C LEU B 134 2.21 -3.28 -13.52
N ASN B 135 2.42 -2.02 -13.87
CA ASN B 135 2.28 -1.54 -15.26
C ASN B 135 3.56 -1.85 -16.04
N ALA B 136 3.49 -1.81 -17.37
CA ALA B 136 4.60 -2.18 -18.28
C ALA B 136 5.89 -1.41 -17.95
N ASP B 137 5.74 -0.15 -17.62
CA ASP B 137 6.91 0.77 -17.46
C ASP B 137 7.53 0.57 -16.06
N GLU B 138 6.97 -0.35 -15.27
CA GLU B 138 7.33 -0.39 -13.84
C GLU B 138 8.37 -1.48 -13.61
N HIS B 139 9.11 -1.28 -12.54
CA HIS B 139 10.02 -2.33 -12.05
C HIS B 139 9.70 -2.71 -10.61
N ILE B 140 10.31 -3.79 -10.18
CA ILE B 140 10.24 -4.31 -8.80
C ILE B 140 11.46 -3.83 -8.02
N GLU B 141 11.23 -3.32 -6.81
CA GLU B 141 12.27 -2.98 -5.86
C GLU B 141 12.47 -4.25 -5.00
N VAL B 142 13.50 -5.04 -5.29
CA VAL B 142 13.57 -6.43 -4.78
C VAL B 142 13.67 -6.48 -3.25
N PRO B 143 14.72 -5.97 -2.59
CA PRO B 143 14.83 -6.12 -1.13
C PRO B 143 13.67 -5.44 -0.39
N GLU B 144 13.13 -4.37 -0.97
CA GLU B 144 11.98 -3.70 -0.38
C GLU B 144 10.79 -4.70 -0.33
N ASP B 145 10.45 -5.30 -1.46
CA ASP B 145 9.32 -6.25 -1.57
C ASP B 145 9.62 -7.51 -0.73
N MET B 146 10.84 -8.03 -0.74
CA MET B 146 11.11 -9.28 0.02
C MET B 146 11.01 -8.98 1.51
N THR B 147 11.30 -7.77 1.96
CA THR B 147 11.21 -7.40 3.38
C THR B 147 9.74 -7.20 3.75
N ARG B 148 8.94 -6.63 2.84
CA ARG B 148 7.48 -6.54 3.07
C ARG B 148 6.97 -7.96 3.35
N LEU B 149 7.37 -8.91 2.52
CA LEU B 149 6.89 -10.31 2.59
C LEU B 149 7.32 -10.93 3.92
N THR B 150 8.63 -10.92 4.22
CA THR B 150 9.12 -11.76 5.35
C THR B 150 8.73 -11.13 6.69
N LEU B 151 8.60 -9.79 6.74
CA LEU B 151 8.04 -9.19 7.98
C LEU B 151 6.57 -9.61 8.12
N ASP B 152 5.82 -9.55 7.04
CA ASP B 152 4.39 -9.96 7.13
C ASP B 152 4.25 -11.44 7.53
N THR B 153 5.09 -12.31 7.02
CA THR B 153 4.96 -13.74 7.32
C THR B 153 5.18 -13.96 8.82
N ILE B 154 6.24 -13.37 9.39
CA ILE B 154 6.54 -13.61 10.83
C ILE B 154 5.47 -12.92 11.69
N GLY B 155 4.88 -11.81 11.23
CA GLY B 155 3.80 -11.20 12.05
C GLY B 155 2.60 -12.10 12.14
N LEU B 156 2.26 -12.74 11.02
CA LEU B 156 1.06 -13.60 11.00
C LEU B 156 1.37 -14.93 11.73
N CYS B 157 2.50 -15.58 11.43
CA CYS B 157 2.89 -16.83 12.14
C CYS B 157 3.30 -16.59 13.61
N GLY B 158 3.84 -15.45 13.93
CA GLY B 158 4.34 -15.18 15.28
C GLY B 158 3.19 -14.85 16.22
N PHE B 159 2.22 -14.03 15.78
CA PHE B 159 1.22 -13.57 16.75
C PHE B 159 -0.09 -13.14 16.02
N ASN B 160 -0.34 -13.68 14.84
CA ASN B 160 -1.65 -13.50 14.17
C ASN B 160 -1.91 -12.02 13.96
N TYR B 161 -0.86 -11.27 13.61
CA TYR B 161 -0.90 -9.79 13.38
C TYR B 161 -0.56 -9.52 11.91
N ARG B 162 -1.38 -8.74 11.26
CA ARG B 162 -1.15 -8.33 9.84
C ARG B 162 -0.46 -6.97 9.87
N PHE B 163 0.84 -6.98 9.57
CA PHE B 163 1.54 -5.68 9.33
C PHE B 163 1.04 -5.04 8.04
N ASN B 164 0.46 -5.81 7.11
CA ASN B 164 -0.13 -5.20 5.87
C ASN B 164 0.93 -4.37 5.15
N SER B 165 2.17 -4.88 5.06
CA SER B 165 3.29 -4.17 4.43
C SER B 165 3.03 -3.90 2.93
N PHE B 166 2.19 -4.67 2.26
CA PHE B 166 1.93 -4.45 0.81
C PHE B 166 0.91 -3.35 0.63
N TYR B 167 0.32 -2.83 1.72
CA TYR B 167 -0.69 -1.74 1.72
C TYR B 167 0.00 -0.41 2.03
N ARG B 168 1.28 -0.39 2.21
CA ARG B 168 1.97 0.78 2.82
C ARG B 168 3.26 1.12 2.10
N ASP B 169 3.63 2.39 2.21
CA ASP B 169 4.97 2.94 1.89
C ASP B 169 5.67 3.15 3.22
N GLN B 170 4.98 3.70 4.21
CA GLN B 170 5.59 4.11 5.51
C GLN B 170 5.50 2.94 6.51
N PRO B 171 6.58 2.64 7.26
CA PRO B 171 6.57 1.47 8.12
C PRO B 171 5.58 1.61 9.29
N HIS B 172 5.23 0.47 9.83
CA HIS B 172 4.50 0.37 11.12
C HIS B 172 5.33 1.05 12.21
N PRO B 173 4.69 1.75 13.18
CA PRO B 173 5.45 2.36 14.28
C PRO B 173 6.48 1.45 14.99
N PHE B 174 6.12 0.20 15.23
CA PHE B 174 7.02 -0.79 15.85
C PHE B 174 8.27 -0.92 14.97
N ILE B 175 8.09 -0.94 13.65
CA ILE B 175 9.18 -1.22 12.68
C ILE B 175 10.09 0.01 12.58
N THR B 176 9.51 1.20 12.62
N THR B 176 9.58 1.26 12.56
CA THR B 176 10.33 2.44 12.57
CA THR B 176 10.50 2.45 12.50
C THR B 176 11.30 2.42 13.75
C THR B 176 11.36 2.45 13.78
N SER B 177 10.82 1.97 14.92
CA SER B 177 11.58 1.92 16.21
C SER B 177 12.57 0.78 16.14
N MET B 178 12.12 -0.42 15.73
CA MET B 178 13.03 -1.59 15.56
C MET B 178 14.18 -1.27 14.58
N VAL B 179 13.88 -0.78 13.39
CA VAL B 179 14.92 -0.47 12.38
C VAL B 179 15.88 0.60 12.94
N ARG B 180 15.34 1.59 13.67
CA ARG B 180 16.20 2.68 14.21
C ARG B 180 17.03 2.13 15.40
N ALA B 181 16.50 1.23 16.23
CA ALA B 181 17.23 0.56 17.32
C ALA B 181 18.37 -0.31 16.73
N LEU B 182 18.09 -1.04 15.66
CA LEU B 182 19.09 -1.91 14.97
C LEU B 182 20.16 -1.01 14.38
N ASP B 183 19.78 0.16 13.87
CA ASP B 183 20.75 1.07 13.20
C ASP B 183 21.66 1.64 14.30
N GLU B 184 21.09 2.05 15.42
CA GLU B 184 21.88 2.55 16.55
C GLU B 184 22.81 1.44 17.03
N ALA B 185 22.31 0.23 17.26
CA ALA B 185 23.14 -0.87 17.82
C ALA B 185 24.35 -1.08 16.91
N MET B 186 24.11 -1.20 15.61
CA MET B 186 25.20 -1.47 14.66
C MET B 186 26.16 -0.27 14.55
N ASN B 187 25.65 0.96 14.64
CA ASN B 187 26.47 2.18 14.49
C ASN B 187 27.29 2.33 15.75
N LYS B 188 26.78 1.90 16.91
CA LYS B 188 27.54 2.05 18.18
C LYS B 188 28.86 1.27 18.12
N LEU B 189 28.96 0.15 17.37
CA LEU B 189 30.17 -0.69 17.32
C LEU B 189 31.38 0.15 16.97
N GLN B 190 31.24 1.09 16.02
CA GLN B 190 32.36 1.87 15.46
C GLN B 190 32.72 3.07 16.36
N ARG B 191 31.91 3.42 17.37
CA ARG B 191 32.16 4.67 18.13
C ARG B 191 33.43 4.59 18.96
N ALA B 192 34.38 5.51 18.77
CA ALA B 192 35.60 5.61 19.62
C ALA B 192 35.28 6.25 20.99
N ASN B 193 34.49 7.32 21.04
N ASN B 193 34.49 7.32 21.02
CA ASN B 193 34.15 8.02 22.32
CA ASN B 193 34.16 8.05 22.27
C ASN B 193 32.63 7.96 22.48
C ASN B 193 32.63 7.97 22.48
N PRO B 194 32.09 6.81 22.91
CA PRO B 194 30.64 6.60 22.96
C PRO B 194 29.88 7.58 23.87
N ASP B 195 30.57 8.19 24.83
CA ASP B 195 29.98 9.09 25.84
C ASP B 195 30.08 10.56 25.44
N ASP B 196 30.83 10.89 24.39
CA ASP B 196 30.79 12.24 23.76
C ASP B 196 29.32 12.71 23.70
N PRO B 197 28.97 13.89 24.28
CA PRO B 197 27.60 14.42 24.19
C PRO B 197 26.92 14.48 22.81
N ALA B 198 27.70 14.44 21.71
CA ALA B 198 27.21 14.37 20.31
C ALA B 198 26.25 13.18 20.15
N TYR B 199 26.37 12.20 21.03
CA TYR B 199 25.51 10.97 20.95
C TYR B 199 24.41 11.02 22.02
N ASP B 200 24.21 12.14 22.71
CA ASP B 200 23.14 12.20 23.74
C ASP B 200 21.77 11.91 23.07
N GLU B 201 21.53 12.50 21.88
CA GLU B 201 20.26 12.37 21.13
C GLU B 201 20.08 10.92 20.68
N ASN B 202 21.17 10.33 20.17
CA ASN B 202 21.17 8.93 19.73
C ASN B 202 20.68 8.07 20.89
N LYS B 203 21.20 8.35 22.09
CA LYS B 203 20.91 7.57 23.33
C LYS B 203 19.46 7.85 23.75
N ARG B 204 19.01 9.11 23.70
CA ARG B 204 17.60 9.43 24.03
C ARG B 204 16.70 8.65 23.06
N GLN B 205 16.95 8.77 21.74
CA GLN B 205 16.12 8.13 20.66
C GLN B 205 16.06 6.60 20.87
N PHE B 206 17.20 6.01 21.26
CA PHE B 206 17.33 4.55 21.51
C PHE B 206 16.39 4.19 22.66
N GLN B 207 16.48 4.90 23.81
CA GLN B 207 15.61 4.57 24.98
C GLN B 207 14.13 4.67 24.57
N GLU B 208 13.78 5.68 23.78
CA GLU B 208 12.40 5.88 23.31
C GLU B 208 12.00 4.72 22.38
N ASP B 209 12.94 4.23 21.56
CA ASP B 209 12.63 3.16 20.56
C ASP B 209 12.42 1.84 21.31
N ILE B 210 13.20 1.60 22.36
CA ILE B 210 13.10 0.40 23.24
C ILE B 210 11.73 0.45 23.91
N LYS B 211 11.39 1.62 24.52
CA LYS B 211 10.10 1.78 25.23
C LYS B 211 8.96 1.46 24.25
N VAL B 212 9.03 1.94 23.01
CA VAL B 212 7.95 1.71 22.01
C VAL B 212 7.84 0.21 21.72
N MET B 213 8.97 -0.44 21.51
CA MET B 213 8.91 -1.87 21.15
C MET B 213 8.28 -2.63 22.34
N ASN B 214 8.75 -2.35 23.55
CA ASN B 214 8.28 -3.04 24.75
C ASN B 214 6.77 -2.79 24.93
N ASP B 215 6.33 -1.52 24.81
CA ASP B 215 4.91 -1.16 25.07
C ASP B 215 4.03 -1.89 24.04
N LEU B 216 4.40 -1.90 22.75
CA LEU B 216 3.48 -2.51 21.75
C LEU B 216 3.47 -4.04 21.91
N VAL B 217 4.63 -4.63 22.16
CA VAL B 217 4.64 -6.12 22.21
C VAL B 217 3.95 -6.57 23.50
N ASP B 218 4.20 -5.85 24.59
CA ASP B 218 3.55 -6.16 25.90
C ASP B 218 2.03 -6.07 25.73
N LYS B 219 1.54 -5.13 24.92
CA LYS B 219 0.09 -4.95 24.73
C LYS B 219 -0.46 -6.13 23.91
N ILE B 220 0.27 -6.54 22.86
N ILE B 220 0.27 -6.54 22.86
CA ILE B 220 -0.12 -7.74 22.07
CA ILE B 220 -0.12 -7.74 22.07
C ILE B 220 -0.25 -8.95 23.02
C ILE B 220 -0.26 -8.94 23.03
N ILE B 221 0.72 -9.12 23.93
CA ILE B 221 0.75 -10.28 24.86
C ILE B 221 -0.46 -10.16 25.79
N ALA B 222 -0.68 -8.99 26.40
CA ALA B 222 -1.79 -8.80 27.37
C ALA B 222 -3.13 -9.02 26.65
N ASP B 223 -3.30 -8.52 25.41
CA ASP B 223 -4.54 -8.65 24.58
C ASP B 223 -4.84 -10.12 24.28
N ARG B 224 -3.84 -10.90 23.91
CA ARG B 224 -4.05 -12.36 23.68
C ARG B 224 -4.49 -13.09 24.96
N LYS B 225 -3.81 -12.82 26.09
CA LYS B 225 -4.18 -13.44 27.40
C LYS B 225 -5.64 -13.12 27.75
N ALA B 226 -6.10 -11.92 27.44
CA ALA B 226 -7.45 -11.42 27.78
C ALA B 226 -8.51 -12.12 26.92
N SER B 227 -8.27 -12.27 25.61
CA SER B 227 -9.29 -12.77 24.65
C SER B 227 -9.48 -14.28 24.84
N GLY B 228 -8.45 -14.95 25.36
CA GLY B 228 -8.37 -16.42 25.50
C GLY B 228 -8.09 -17.14 24.18
N GLU B 229 -7.98 -16.41 23.08
CA GLU B 229 -7.95 -17.00 21.72
C GLU B 229 -6.79 -17.98 21.63
N GLN B 230 -7.00 -19.09 20.93
CA GLN B 230 -6.02 -20.20 20.87
C GLN B 230 -5.52 -20.34 19.44
N SER B 231 -5.16 -19.21 18.79
CA SER B 231 -4.66 -19.18 17.39
C SER B 231 -3.36 -19.97 17.34
N ASP B 232 -3.07 -20.65 16.23
CA ASP B 232 -1.91 -21.57 16.08
C ASP B 232 -0.69 -20.74 15.63
N ASP B 233 -0.14 -20.00 16.59
CA ASP B 233 0.99 -19.11 16.32
C ASP B 233 1.99 -19.26 17.47
N LEU B 234 3.14 -18.68 17.28
CA LEU B 234 4.22 -18.75 18.28
C LEU B 234 3.74 -18.23 19.62
N LEU B 235 2.95 -17.14 19.65
CA LEU B 235 2.54 -16.52 20.93
C LEU B 235 1.70 -17.53 21.70
N THR B 236 0.74 -18.18 21.05
CA THR B 236 -0.11 -19.23 21.68
C THR B 236 0.82 -20.31 22.24
N HIS B 237 1.81 -20.76 21.49
CA HIS B 237 2.73 -21.86 21.91
C HIS B 237 3.48 -21.40 23.15
N MET B 238 3.93 -20.15 23.19
CA MET B 238 4.75 -19.61 24.32
C MET B 238 3.84 -19.39 25.54
N LEU B 239 2.59 -18.95 25.37
CA LEU B 239 1.64 -18.76 26.50
C LEU B 239 1.30 -20.12 27.13
N ASN B 240 1.22 -21.19 26.34
CA ASN B 240 0.74 -22.52 26.81
C ASN B 240 1.91 -23.46 27.16
N GLY B 241 3.12 -23.22 26.64
CA GLY B 241 4.20 -24.23 26.63
C GLY B 241 4.83 -24.32 28.00
N LYS B 242 5.27 -25.51 28.39
CA LYS B 242 5.96 -25.73 29.66
C LYS B 242 7.28 -26.39 29.28
N ASP B 243 8.38 -25.97 29.88
CA ASP B 243 9.70 -26.62 29.71
C ASP B 243 9.56 -28.04 30.26
N PRO B 244 9.75 -29.11 29.48
CA PRO B 244 9.58 -30.46 30.01
C PRO B 244 10.49 -30.69 31.21
N GLU B 245 11.57 -29.91 31.30
CA GLU B 245 12.69 -29.98 32.27
C GLU B 245 12.26 -29.26 33.55
N THR B 246 12.31 -27.92 33.57
CA THR B 246 11.96 -27.03 34.72
C THR B 246 10.46 -27.15 35.01
N GLY B 247 9.59 -27.54 34.06
CA GLY B 247 8.11 -27.66 34.25
C GLY B 247 7.42 -26.29 34.15
N GLU B 248 8.25 -25.25 34.07
CA GLU B 248 7.90 -23.81 34.06
C GLU B 248 7.56 -23.31 32.64
N PRO B 249 6.58 -22.39 32.49
CA PRO B 249 6.40 -21.61 31.27
C PRO B 249 7.32 -20.39 31.19
N LEU B 250 7.47 -19.79 29.98
CA LEU B 250 8.19 -18.50 29.84
C LEU B 250 7.34 -17.43 30.55
N ASP B 251 7.97 -16.43 31.16
CA ASP B 251 7.23 -15.27 31.70
C ASP B 251 6.97 -14.30 30.57
N ASP B 252 6.15 -13.32 30.87
CA ASP B 252 5.60 -12.40 29.87
C ASP B 252 6.74 -11.52 29.34
N GLU B 253 7.70 -11.15 30.20
CA GLU B 253 8.90 -10.39 29.78
C GLU B 253 9.71 -11.16 28.72
N ASN B 254 10.00 -12.42 28.97
CA ASN B 254 10.82 -13.23 28.04
C ASN B 254 10.03 -13.46 26.75
N ILE B 255 8.73 -13.73 26.85
CA ILE B 255 7.89 -13.88 25.61
C ILE B 255 8.02 -12.60 24.76
N ARG B 256 7.95 -11.42 25.38
CA ARG B 256 8.18 -10.14 24.65
C ARG B 256 9.53 -10.22 23.93
N TYR B 257 10.60 -10.59 24.65
CA TYR B 257 11.95 -10.62 24.02
C TYR B 257 11.96 -11.60 22.85
N GLN B 258 11.29 -12.75 23.01
CA GLN B 258 11.26 -13.72 21.89
C GLN B 258 10.52 -13.11 20.68
N ILE B 259 9.41 -12.40 20.90
N ILE B 259 9.39 -12.43 20.91
CA ILE B 259 8.62 -11.79 19.80
CA ILE B 259 8.59 -11.80 19.83
C ILE B 259 9.50 -10.73 19.12
C ILE B 259 9.45 -10.72 19.14
N ILE B 260 10.16 -9.88 19.91
CA ILE B 260 11.04 -8.85 19.34
C ILE B 260 12.11 -9.57 18.50
N THR B 261 12.68 -10.65 19.03
CA THR B 261 13.73 -11.44 18.33
C THR B 261 13.19 -11.96 16.99
N PHE B 262 12.01 -12.54 16.99
CA PHE B 262 11.46 -13.14 15.76
C PHE B 262 11.18 -12.05 14.75
N LEU B 263 10.71 -10.89 15.19
CA LEU B 263 10.46 -9.75 14.24
C LEU B 263 11.79 -9.26 13.63
N ILE B 264 12.85 -9.13 14.43
CA ILE B 264 14.17 -8.80 13.89
C ILE B 264 14.59 -9.84 12.84
N ALA B 265 14.45 -11.10 13.16
CA ALA B 265 14.89 -12.17 12.22
C ALA B 265 14.11 -12.05 10.91
N GLY B 266 12.80 -12.02 10.98
CA GLY B 266 12.02 -12.05 9.75
C GLY B 266 12.27 -10.82 8.89
N HIS B 267 12.41 -9.64 9.52
CA HIS B 267 12.67 -8.37 8.78
C HIS B 267 14.04 -8.47 8.13
N GLU B 268 15.07 -8.97 8.85
CA GLU B 268 16.47 -8.80 8.42
C GLU B 268 17.02 -9.97 7.59
N THR B 269 16.59 -11.22 7.79
CA THR B 269 17.36 -12.37 7.28
C THR B 269 16.74 -12.95 6.00
N THR B 270 15.56 -13.56 6.09
CA THR B 270 15.02 -14.32 4.98
C THR B 270 14.91 -13.35 3.79
N SER B 271 14.52 -12.08 4.04
CA SER B 271 14.38 -11.10 2.92
C SER B 271 15.73 -10.91 2.20
N GLY B 272 16.85 -10.90 2.94
CA GLY B 272 18.20 -10.83 2.28
C GLY B 272 18.44 -12.07 1.44
N LEU B 273 18.13 -13.27 1.98
CA LEU B 273 18.35 -14.54 1.26
C LEU B 273 17.55 -14.47 -0.04
N LEU B 274 16.27 -14.12 0.00
CA LEU B 274 15.44 -14.12 -1.21
C LEU B 274 16.01 -13.11 -2.22
N SER B 275 16.48 -11.96 -1.74
CA SER B 275 17.00 -10.86 -2.61
C SER B 275 18.29 -11.36 -3.30
N PHE B 276 19.21 -11.94 -2.55
CA PHE B 276 20.45 -12.55 -3.15
C PHE B 276 20.11 -13.69 -4.09
N ALA B 277 19.13 -14.52 -3.76
CA ALA B 277 18.78 -15.68 -4.62
C ALA B 277 18.27 -15.14 -5.96
N LEU B 278 17.44 -14.12 -5.94
CA LEU B 278 16.86 -13.65 -7.23
C LEU B 278 17.95 -12.94 -8.05
N TYR B 279 18.84 -12.25 -7.38
CA TYR B 279 20.02 -11.60 -7.99
C TYR B 279 20.82 -12.68 -8.73
N PHE B 280 21.17 -13.75 -8.04
CA PHE B 280 21.98 -14.82 -8.68
C PHE B 280 21.21 -15.47 -9.81
N LEU B 281 19.89 -15.62 -9.69
CA LEU B 281 19.12 -16.30 -10.76
C LEU B 281 19.14 -15.43 -12.03
N VAL B 282 18.97 -14.11 -11.88
CA VAL B 282 18.94 -13.20 -13.05
C VAL B 282 20.34 -13.08 -13.66
N LYS B 283 21.41 -13.12 -12.85
CA LYS B 283 22.80 -13.14 -13.38
C LYS B 283 23.21 -14.54 -13.92
N ASN B 284 22.37 -15.58 -13.87
CA ASN B 284 22.69 -16.98 -14.26
C ASN B 284 21.48 -17.62 -14.91
N PRO B 285 21.13 -17.13 -16.12
CA PRO B 285 19.93 -17.54 -16.83
C PRO B 285 19.79 -19.06 -16.90
N HIS B 286 20.93 -19.76 -17.12
CA HIS B 286 21.05 -21.24 -17.12
C HIS B 286 20.38 -21.81 -15.84
N VAL B 287 20.70 -21.24 -14.71
CA VAL B 287 20.20 -21.73 -13.38
C VAL B 287 18.72 -21.35 -13.18
N LEU B 288 18.34 -20.15 -13.61
CA LEU B 288 16.92 -19.71 -13.52
C LEU B 288 16.06 -20.70 -14.28
N GLN B 289 16.46 -21.01 -15.54
CA GLN B 289 15.68 -21.90 -16.42
C GLN B 289 15.47 -23.21 -15.67
N LYS B 290 16.55 -23.74 -15.06
CA LYS B 290 16.49 -25.06 -14.38
C LYS B 290 15.54 -24.98 -13.20
N ALA B 291 15.62 -23.90 -12.41
CA ALA B 291 14.76 -23.70 -11.24
C ALA B 291 13.32 -23.48 -11.70
N ALA B 292 13.12 -22.70 -12.79
CA ALA B 292 11.76 -22.46 -13.37
C ALA B 292 11.12 -23.77 -13.85
N GLU B 293 11.90 -24.69 -14.45
CA GLU B 293 11.33 -25.98 -14.92
C GLU B 293 10.83 -26.74 -13.71
N GLU B 294 11.59 -26.72 -12.60
CA GLU B 294 11.19 -27.49 -11.41
C GLU B 294 9.89 -26.88 -10.88
N ALA B 295 9.87 -25.56 -10.78
CA ALA B 295 8.71 -24.85 -10.24
C ALA B 295 7.45 -25.20 -11.05
N ALA B 296 7.57 -25.22 -12.36
CA ALA B 296 6.46 -25.48 -13.30
C ALA B 296 6.06 -26.95 -13.16
N ARG B 297 7.04 -27.85 -12.99
CA ARG B 297 6.74 -29.31 -12.92
C ARG B 297 6.01 -29.62 -11.61
N VAL B 298 6.41 -28.96 -10.52
CA VAL B 298 6.01 -29.36 -9.13
C VAL B 298 4.72 -28.62 -8.75
N LEU B 299 4.71 -27.30 -9.00
CA LEU B 299 3.64 -26.42 -8.47
C LEU B 299 2.44 -26.44 -9.46
N VAL B 300 1.70 -27.53 -9.42
CA VAL B 300 0.66 -27.90 -10.41
C VAL B 300 -0.70 -27.39 -9.94
N ASP B 301 -0.77 -26.78 -8.76
CA ASP B 301 -2.04 -26.22 -8.22
C ASP B 301 -1.93 -24.70 -8.09
N PRO B 302 -3.08 -24.01 -8.06
CA PRO B 302 -3.06 -22.57 -8.03
C PRO B 302 -2.31 -22.06 -6.79
N VAL B 303 -2.46 -22.83 -5.70
CA VAL B 303 -1.86 -22.59 -4.38
C VAL B 303 -0.86 -23.70 -4.07
N PRO B 304 0.45 -23.48 -3.81
CA PRO B 304 1.31 -24.59 -3.43
C PRO B 304 0.92 -25.20 -2.08
N SER B 305 1.14 -26.50 -1.97
CA SER B 305 0.96 -27.25 -0.71
C SER B 305 2.30 -27.39 0.00
N TYR B 306 2.22 -27.77 1.26
CA TYR B 306 3.43 -28.11 2.05
C TYR B 306 4.20 -29.20 1.30
N LYS B 307 3.52 -30.23 0.85
CA LYS B 307 4.24 -31.38 0.25
C LYS B 307 4.94 -30.95 -1.03
N GLN B 308 4.33 -30.08 -1.84
CA GLN B 308 4.97 -29.56 -3.07
C GLN B 308 6.22 -28.73 -2.74
N VAL B 309 6.20 -27.92 -1.73
CA VAL B 309 7.43 -27.11 -1.44
C VAL B 309 8.58 -28.05 -1.09
N LYS B 310 8.29 -29.13 -0.38
CA LYS B 310 9.36 -30.13 -0.03
C LYS B 310 9.96 -30.75 -1.30
N GLN B 311 9.17 -30.72 -2.39
N GLN B 311 9.25 -30.76 -2.42
CA GLN B 311 9.45 -31.23 -3.76
CA GLN B 311 9.84 -31.33 -3.67
C GLN B 311 10.22 -30.23 -4.63
C GLN B 311 10.53 -30.30 -4.56
N LEU B 312 10.61 -29.04 -4.12
CA LEU B 312 11.38 -28.01 -4.86
C LEU B 312 12.88 -28.12 -4.51
N LYS B 313 13.46 -29.29 -4.82
N LYS B 313 13.48 -29.26 -4.85
CA LYS B 313 14.84 -29.65 -4.40
CA LYS B 313 14.83 -29.64 -4.38
C LYS B 313 15.85 -28.65 -5.00
C LYS B 313 15.88 -28.70 -5.01
N TYR B 314 15.76 -28.38 -6.28
CA TYR B 314 16.71 -27.49 -6.95
C TYR B 314 16.53 -26.07 -6.42
N VAL B 315 15.29 -25.66 -6.13
CA VAL B 315 15.13 -24.28 -5.55
C VAL B 315 15.87 -24.24 -4.21
N GLY B 316 15.74 -25.32 -3.46
CA GLY B 316 16.46 -25.45 -2.18
C GLY B 316 17.98 -25.31 -2.35
N MET B 317 18.53 -25.92 -3.40
CA MET B 317 19.99 -25.85 -3.69
C MET B 317 20.35 -24.42 -4.13
N VAL B 318 19.47 -23.78 -4.90
CA VAL B 318 19.68 -22.35 -5.26
C VAL B 318 19.79 -21.56 -3.94
N LEU B 319 18.86 -21.80 -3.01
CA LEU B 319 18.90 -21.00 -1.78
C LEU B 319 20.21 -21.28 -1.01
N ASN B 320 20.63 -22.53 -0.91
CA ASN B 320 21.91 -22.84 -0.22
C ASN B 320 23.10 -22.17 -0.91
N GLU B 321 23.09 -22.11 -2.26
CA GLU B 321 24.21 -21.52 -3.02
C GLU B 321 24.16 -20.00 -2.85
N ALA B 322 22.97 -19.38 -2.70
CA ALA B 322 22.88 -17.98 -2.32
C ALA B 322 23.43 -17.77 -0.91
N LEU B 323 23.08 -18.64 0.04
CA LEU B 323 23.62 -18.53 1.40
C LEU B 323 25.13 -18.78 1.39
N ARG B 324 25.62 -19.58 0.42
CA ARG B 324 27.07 -19.79 0.40
C ARG B 324 27.73 -18.45 0.03
N LEU B 325 27.40 -17.86 -1.14
CA LEU B 325 28.14 -16.64 -1.51
C LEU B 325 27.81 -15.42 -0.63
N TRP B 326 26.56 -15.28 -0.16
CA TRP B 326 26.19 -14.12 0.67
C TRP B 326 25.34 -14.51 1.87
N PRO B 327 25.94 -15.09 2.91
CA PRO B 327 25.23 -15.51 4.14
C PRO B 327 24.72 -14.24 4.80
N THR B 328 23.42 -14.03 4.77
N THR B 328 23.41 -14.02 4.73
CA THR B 328 22.82 -12.71 5.08
CA THR B 328 22.78 -12.73 5.08
C THR B 328 23.13 -12.36 6.54
C THR B 328 23.14 -12.37 6.52
N ALA B 329 23.14 -13.35 7.43
CA ALA B 329 23.67 -13.21 8.79
C ALA B 329 25.15 -13.58 8.77
N PRO B 330 26.07 -12.61 8.69
CA PRO B 330 27.38 -12.93 8.13
C PRO B 330 28.47 -13.34 9.12
N ALA B 331 28.13 -13.39 10.40
CA ALA B 331 29.12 -13.72 11.46
C ALA B 331 28.43 -14.34 12.66
N PHE B 332 29.24 -15.10 13.39
CA PHE B 332 28.92 -15.50 14.76
C PHE B 332 30.22 -15.56 15.53
N SER B 333 30.07 -15.56 16.83
CA SER B 333 31.18 -15.39 17.77
C SER B 333 31.19 -16.56 18.74
N LEU B 334 32.38 -16.94 19.17
CA LEU B 334 32.60 -18.07 20.08
C LEU B 334 33.59 -17.67 21.16
N TYR B 335 33.51 -18.33 22.31
CA TYR B 335 34.58 -18.23 23.33
C TYR B 335 35.09 -19.62 23.66
N ALA B 336 36.36 -19.66 24.06
CA ALA B 336 37.00 -20.94 24.43
C ALA B 336 36.51 -21.33 25.82
N LYS B 337 35.93 -22.52 25.95
CA LYS B 337 35.42 -23.00 27.25
C LYS B 337 36.59 -23.35 28.17
N GLU B 338 37.72 -23.78 27.59
CA GLU B 338 38.98 -24.05 28.34
C GLU B 338 40.18 -23.66 27.47
N ASP B 339 41.41 -23.72 28.00
CA ASP B 339 42.62 -23.50 27.14
C ASP B 339 42.60 -24.58 26.09
N THR B 340 42.98 -24.26 24.86
CA THR B 340 43.02 -25.27 23.79
C THR B 340 43.88 -24.67 22.67
N VAL B 341 44.26 -25.48 21.73
CA VAL B 341 45.13 -25.00 20.63
C VAL B 341 44.31 -25.15 19.38
N LEU B 342 44.23 -24.10 18.59
N LEU B 342 44.18 -24.06 18.62
CA LEU B 342 43.45 -24.15 17.34
CA LEU B 342 43.53 -24.11 17.30
C LEU B 342 44.41 -24.48 16.18
C LEU B 342 44.55 -24.61 16.27
N GLY B 343 44.09 -25.54 15.42
CA GLY B 343 44.81 -25.93 14.20
C GLY B 343 46.23 -26.37 14.50
N GLY B 344 46.54 -26.69 15.77
CA GLY B 344 47.88 -27.10 16.20
C GLY B 344 48.85 -25.95 16.18
N GLU B 345 48.42 -24.70 16.00
CA GLU B 345 49.43 -23.61 15.93
C GLU B 345 49.01 -22.37 16.71
N TYR B 346 47.74 -22.20 17.08
CA TYR B 346 47.27 -20.94 17.74
C TYR B 346 46.70 -21.28 19.11
N PRO B 347 47.54 -21.21 20.14
CA PRO B 347 47.12 -21.46 21.51
C PRO B 347 46.11 -20.40 21.97
N LEU B 348 45.02 -20.84 22.58
CA LEU B 348 43.99 -19.95 23.14
C LEU B 348 43.86 -20.27 24.62
N GLU B 349 43.56 -19.24 25.39
CA GLU B 349 43.20 -19.33 26.81
C GLU B 349 41.69 -19.36 26.98
N LYS B 350 41.21 -20.07 28.00
CA LYS B 350 39.80 -19.98 28.43
C LYS B 350 39.31 -18.54 28.38
N GLY B 351 38.16 -18.32 27.73
CA GLY B 351 37.52 -16.99 27.59
C GLY B 351 37.91 -16.30 26.30
N ASP B 352 38.98 -16.73 25.63
CA ASP B 352 39.42 -16.06 24.37
C ASP B 352 38.28 -16.18 23.35
N GLU B 353 38.04 -15.09 22.60
N GLU B 353 38.13 -15.16 22.54
CA GLU B 353 36.94 -14.94 21.61
CA GLU B 353 36.99 -15.09 21.61
C GLU B 353 37.46 -15.28 20.21
C GLU B 353 37.47 -15.29 20.18
N LEU B 354 36.56 -15.78 19.35
CA LEU B 354 36.76 -15.97 17.91
C LEU B 354 35.56 -15.30 17.23
N MET B 355 35.77 -14.81 16.03
CA MET B 355 34.66 -14.45 15.15
C MET B 355 34.76 -15.35 13.92
N VAL B 356 33.66 -15.99 13.55
CA VAL B 356 33.58 -16.75 12.29
C VAL B 356 33.06 -15.80 11.22
N LEU B 357 33.88 -15.53 10.23
CA LEU B 357 33.49 -14.66 9.11
C LEU B 357 32.91 -15.56 8.05
N ILE B 358 31.59 -15.69 8.06
CA ILE B 358 30.95 -16.75 7.24
C ILE B 358 31.20 -16.52 5.76
N PRO B 359 31.09 -15.30 5.18
CA PRO B 359 31.24 -15.18 3.73
C PRO B 359 32.61 -15.68 3.24
N GLN B 360 33.62 -15.52 4.08
CA GLN B 360 35.02 -15.91 3.76
C GLN B 360 35.17 -17.45 3.87
N LEU B 361 34.58 -18.04 4.93
CA LEU B 361 34.51 -19.51 5.12
C LEU B 361 33.98 -20.13 3.83
N HIS B 362 32.93 -19.53 3.28
CA HIS B 362 32.21 -20.06 2.10
C HIS B 362 32.95 -19.81 0.80
N ARG B 363 34.08 -19.11 0.86
CA ARG B 363 34.99 -18.82 -0.29
C ARG B 363 36.31 -19.58 -0.12
N ASP B 364 36.36 -20.58 0.74
CA ASP B 364 37.61 -21.36 1.01
C ASP B 364 37.86 -22.27 -0.20
N LYS B 365 38.85 -21.95 -1.02
CA LYS B 365 39.05 -22.64 -2.34
C LYS B 365 39.45 -24.09 -2.10
N THR B 366 39.99 -24.38 -0.92
CA THR B 366 40.42 -25.77 -0.61
C THR B 366 39.21 -26.64 -0.42
N ILE B 367 38.02 -26.06 -0.17
CA ILE B 367 36.74 -26.82 -0.01
C ILE B 367 36.00 -26.82 -1.35
N TRP B 368 35.84 -25.64 -1.95
CA TRP B 368 34.85 -25.48 -3.05
C TRP B 368 35.50 -25.60 -4.44
N GLY B 369 36.83 -25.43 -4.54
CA GLY B 369 37.60 -25.45 -5.80
C GLY B 369 37.84 -24.04 -6.34
N ASP B 370 38.38 -23.95 -7.55
CA ASP B 370 38.86 -22.64 -8.05
C ASP B 370 37.63 -21.84 -8.51
N ASP B 371 36.50 -22.51 -8.83
CA ASP B 371 35.25 -21.87 -9.32
C ASP B 371 34.41 -21.29 -8.17
N VAL B 372 35.04 -21.04 -7.04
CA VAL B 372 34.37 -20.65 -5.78
C VAL B 372 33.43 -19.43 -6.00
N GLU B 373 33.70 -18.53 -6.96
CA GLU B 373 32.84 -17.32 -7.09
C GLU B 373 31.64 -17.62 -7.99
N GLU B 374 31.57 -18.75 -8.67
CA GLU B 374 30.50 -19.07 -9.64
C GLU B 374 29.29 -19.54 -8.83
N PHE B 375 28.10 -19.30 -9.36
CA PHE B 375 26.84 -19.65 -8.71
C PHE B 375 26.45 -20.98 -9.31
N ARG B 376 26.71 -22.08 -8.58
CA ARG B 376 26.51 -23.47 -9.08
C ARG B 376 25.75 -24.21 -7.99
N PRO B 377 24.41 -24.14 -7.98
CA PRO B 377 23.63 -24.84 -6.97
C PRO B 377 24.00 -26.33 -6.85
N GLU B 378 24.50 -26.92 -7.96
CA GLU B 378 24.76 -28.39 -8.02
C GLU B 378 25.85 -28.77 -7.00
N ARG B 379 26.62 -27.79 -6.50
CA ARG B 379 27.60 -27.96 -5.40
C ARG B 379 26.92 -28.66 -4.23
N PHE B 380 25.60 -28.47 -4.10
CA PHE B 380 24.83 -28.98 -2.94
C PHE B 380 24.08 -30.31 -3.23
N GLU B 381 24.40 -30.98 -4.34
CA GLU B 381 23.74 -32.23 -4.76
C GLU B 381 23.89 -33.27 -3.66
N ASN B 382 25.03 -33.32 -3.00
CA ASN B 382 25.40 -34.42 -2.11
C ASN B 382 26.04 -33.84 -0.85
N PRO B 383 25.27 -33.70 0.24
CA PRO B 383 25.83 -33.17 1.48
C PRO B 383 26.99 -34.01 2.05
N SER B 384 27.04 -35.32 1.73
CA SER B 384 28.17 -36.15 2.20
C SER B 384 29.48 -35.75 1.52
N ALA B 385 29.44 -35.08 0.36
CA ALA B 385 30.65 -34.65 -0.39
C ALA B 385 31.16 -33.30 0.13
N ILE B 386 30.49 -32.71 1.13
CA ILE B 386 30.86 -31.40 1.67
C ILE B 386 31.52 -31.68 2.99
N PRO B 387 32.77 -31.26 3.16
CA PRO B 387 33.43 -31.42 4.45
C PRO B 387 32.68 -30.86 5.65
N GLN B 388 32.99 -31.39 6.83
CA GLN B 388 32.40 -30.90 8.09
C GLN B 388 32.63 -29.41 8.29
N HIS B 389 31.57 -28.70 8.62
CA HIS B 389 31.60 -27.26 9.02
C HIS B 389 32.06 -26.37 7.86
N ALA B 390 31.96 -26.80 6.62
CA ALA B 390 32.30 -25.94 5.47
C ALA B 390 31.21 -24.87 5.29
N PHE B 391 29.97 -25.16 5.66
CA PHE B 391 28.81 -24.35 5.26
C PHE B 391 28.01 -24.03 6.50
N LYS B 392 28.06 -22.80 6.98
CA LYS B 392 27.51 -22.46 8.32
C LYS B 392 26.58 -21.23 8.27
N PRO B 393 25.69 -21.08 7.28
CA PRO B 393 24.87 -19.86 7.23
C PRO B 393 23.89 -19.70 8.39
N PHE B 394 23.59 -20.78 9.11
CA PHE B 394 22.63 -20.82 10.23
C PHE B 394 23.37 -21.03 11.56
N GLY B 395 24.68 -20.80 11.56
CA GLY B 395 25.48 -20.96 12.75
C GLY B 395 25.76 -22.42 13.09
N ASN B 396 25.90 -22.72 14.37
CA ASN B 396 26.53 -23.97 14.84
C ASN B 396 25.84 -24.56 16.06
N GLY B 397 25.62 -25.87 15.96
CA GLY B 397 25.34 -26.66 17.15
C GLY B 397 24.00 -26.30 17.78
N GLN B 398 23.94 -26.40 19.10
CA GLN B 398 22.70 -26.12 19.85
C GLN B 398 22.35 -24.62 19.74
N ARG B 399 23.32 -23.77 19.40
CA ARG B 399 23.07 -22.32 19.24
C ARG B 399 22.90 -21.98 17.76
N ALA B 400 22.60 -22.95 16.91
CA ALA B 400 22.23 -22.69 15.53
C ALA B 400 20.85 -21.99 15.49
N CYS B 401 20.56 -21.45 14.33
CA CYS B 401 19.29 -20.78 14.00
C CYS B 401 18.08 -21.67 14.29
N ILE B 402 17.27 -21.29 15.24
CA ILE B 402 16.03 -22.08 15.54
C ILE B 402 15.06 -21.91 14.36
N GLY B 403 15.21 -20.81 13.60
CA GLY B 403 14.32 -20.47 12.49
C GLY B 403 14.69 -21.08 11.15
N GLN B 404 15.67 -21.96 11.10
CA GLN B 404 16.22 -22.47 9.81
C GLN B 404 15.14 -23.13 8.95
N GLN B 405 14.31 -23.96 9.56
CA GLN B 405 13.26 -24.67 8.78
C GLN B 405 12.25 -23.64 8.29
N PHE B 406 11.92 -22.69 9.14
CA PHE B 406 10.88 -21.69 8.85
C PHE B 406 11.35 -20.85 7.67
N ALA B 407 12.57 -20.30 7.81
CA ALA B 407 13.19 -19.46 6.77
C ALA B 407 13.29 -20.20 5.43
N LEU B 408 13.72 -21.46 5.47
CA LEU B 408 13.92 -22.18 4.19
C LEU B 408 12.55 -22.57 3.63
N HIS B 409 11.56 -22.84 4.45
CA HIS B 409 10.22 -23.19 3.91
C HIS B 409 9.68 -21.93 3.20
N GLU B 410 9.70 -20.78 3.88
CA GLU B 410 9.12 -19.56 3.32
C GLU B 410 9.89 -19.25 2.02
N ALA B 411 11.24 -19.27 2.06
CA ALA B 411 12.08 -18.86 0.91
C ALA B 411 11.86 -19.82 -0.26
N THR B 412 11.69 -21.10 0.01
CA THR B 412 11.44 -22.11 -1.07
C THR B 412 10.07 -21.86 -1.69
N LEU B 413 9.03 -21.70 -0.87
CA LEU B 413 7.66 -21.40 -1.32
C LEU B 413 7.66 -20.18 -2.23
N VAL B 414 8.18 -19.08 -1.73
CA VAL B 414 8.11 -17.79 -2.43
C VAL B 414 8.91 -17.84 -3.72
N LEU B 415 10.15 -18.36 -3.67
CA LEU B 415 10.95 -18.37 -4.89
C LEU B 415 10.31 -19.34 -5.88
N GLY B 416 9.76 -20.44 -5.42
CA GLY B 416 9.03 -21.35 -6.34
C GLY B 416 7.84 -20.66 -7.00
N MET B 417 7.04 -19.90 -6.23
CA MET B 417 5.90 -19.19 -6.83
C MET B 417 6.39 -18.09 -7.79
N MET B 418 7.47 -17.42 -7.43
CA MET B 418 8.04 -16.38 -8.31
C MET B 418 8.43 -17.00 -9.65
N LEU B 419 9.08 -18.15 -9.65
CA LEU B 419 9.52 -18.78 -10.93
C LEU B 419 8.36 -19.43 -11.65
N LYS B 420 7.33 -19.87 -10.94
CA LYS B 420 6.10 -20.39 -11.62
C LYS B 420 5.45 -19.25 -12.39
N HIS B 421 5.38 -18.04 -11.81
CA HIS B 421 4.41 -17.00 -12.26
C HIS B 421 5.02 -15.94 -13.19
N PHE B 422 6.34 -15.76 -13.19
CA PHE B 422 7.05 -14.67 -13.92
C PHE B 422 8.37 -15.12 -14.55
N ASP B 423 8.63 -14.54 -15.72
CA ASP B 423 9.98 -14.37 -16.33
C ASP B 423 10.56 -13.09 -15.72
N PHE B 424 11.84 -13.08 -15.42
CA PHE B 424 12.54 -11.92 -14.82
C PHE B 424 13.55 -11.35 -15.79
N GLU B 425 13.62 -10.02 -15.86
CA GLU B 425 14.62 -9.29 -16.66
C GLU B 425 15.46 -8.45 -15.71
N ASP B 426 16.75 -8.66 -15.78
CA ASP B 426 17.74 -7.74 -15.19
C ASP B 426 17.84 -6.50 -16.09
N HIS B 427 16.78 -5.68 -16.14
CA HIS B 427 16.61 -4.60 -17.15
C HIS B 427 17.73 -3.56 -17.00
N THR B 428 18.34 -3.43 -15.83
CA THR B 428 19.35 -2.35 -15.56
C THR B 428 20.77 -2.87 -15.61
N ASN B 429 20.91 -4.18 -15.85
CA ASN B 429 22.22 -4.88 -15.72
C ASN B 429 22.80 -4.47 -14.36
N TYR B 430 22.07 -4.80 -13.29
CA TYR B 430 22.31 -4.29 -11.93
C TYR B 430 23.73 -4.68 -11.50
N GLU B 431 24.39 -3.74 -10.81
CA GLU B 431 25.73 -3.92 -10.22
C GLU B 431 25.58 -4.14 -8.71
N LEU B 432 25.91 -5.35 -8.23
CA LEU B 432 25.66 -5.71 -6.83
C LEU B 432 26.29 -4.67 -5.89
N ASP B 433 25.48 -4.21 -4.95
CA ASP B 433 25.85 -3.24 -3.88
C ASP B 433 25.18 -3.69 -2.59
N ILE B 434 25.97 -4.06 -1.60
CA ILE B 434 25.47 -4.77 -0.41
C ILE B 434 25.50 -3.80 0.75
N LYS B 435 24.29 -3.53 1.20
CA LYS B 435 24.05 -2.71 2.38
C LYS B 435 24.08 -3.60 3.61
N GLU B 436 24.63 -3.07 4.70
CA GLU B 436 24.77 -3.82 5.97
C GLU B 436 23.90 -3.15 7.00
N THR B 437 22.93 -3.89 7.57
CA THR B 437 22.20 -3.49 8.82
C THR B 437 22.65 -4.45 9.92
N LEU B 438 21.76 -5.23 10.54
CA LEU B 438 22.23 -6.45 11.26
C LEU B 438 22.75 -7.42 10.20
N THR B 439 22.20 -7.39 9.00
CA THR B 439 22.39 -8.40 7.93
C THR B 439 22.84 -7.72 6.65
N LEU B 440 23.15 -8.55 5.72
CA LEU B 440 23.50 -8.17 4.32
C LEU B 440 22.30 -8.27 3.39
N LYS B 441 22.09 -7.23 2.56
CA LYS B 441 21.03 -7.22 1.54
C LYS B 441 21.56 -6.47 0.35
N PRO B 442 21.15 -6.81 -0.90
N PRO B 442 21.20 -6.90 -0.89
CA PRO B 442 21.55 -6.06 -2.10
CA PRO B 442 21.33 -6.02 -2.04
C PRO B 442 20.77 -4.75 -2.36
C PRO B 442 20.67 -4.69 -1.66
N GLU B 443 21.34 -3.60 -2.01
CA GLU B 443 20.67 -2.29 -2.07
C GLU B 443 20.50 -1.86 -3.54
N GLY B 444 19.32 -1.38 -3.94
CA GLY B 444 19.05 -0.82 -5.29
C GLY B 444 18.82 -1.92 -6.31
N PHE B 445 18.65 -3.16 -5.83
CA PHE B 445 18.41 -4.25 -6.78
C PHE B 445 16.99 -4.12 -7.30
N VAL B 446 16.84 -3.99 -8.62
CA VAL B 446 15.52 -3.87 -9.31
C VAL B 446 15.51 -4.84 -10.51
N VAL B 447 14.36 -5.36 -10.90
CA VAL B 447 14.15 -6.20 -12.09
C VAL B 447 12.80 -5.86 -12.67
N LYS B 448 12.52 -6.32 -13.89
CA LYS B 448 11.14 -6.38 -14.42
C LYS B 448 10.71 -7.83 -14.46
N ALA B 449 9.42 -8.02 -14.18
CA ALA B 449 8.76 -9.33 -14.23
C ALA B 449 7.69 -9.30 -15.29
N LYS B 450 7.77 -10.25 -16.21
CA LYS B 450 6.79 -10.48 -17.29
C LYS B 450 5.98 -11.67 -16.82
N SER B 451 4.70 -11.47 -16.60
CA SER B 451 3.79 -12.52 -16.12
C SER B 451 3.69 -13.61 -17.19
N LYS B 452 3.72 -14.86 -16.73
CA LYS B 452 3.31 -16.05 -17.50
C LYS B 452 1.78 -16.16 -17.50
N LYS B 453 1.08 -15.20 -16.88
CA LYS B 453 -0.41 -15.11 -16.96
C LYS B 453 -0.95 -16.47 -16.50
N ILE B 454 -0.35 -17.05 -15.48
CA ILE B 454 -0.93 -18.27 -14.87
C ILE B 454 -1.78 -17.87 -13.69
N PRO B 455 -3.09 -18.20 -13.69
CA PRO B 455 -3.99 -17.80 -12.62
C PRO B 455 -3.60 -18.41 -11.27
N LEU B 456 -4.05 -17.73 -10.22
CA LEU B 456 -3.83 -18.09 -8.79
C LEU B 456 -5.13 -18.68 -8.24
CHA HEM C . -21.09 15.78 -16.20
CHA HEM C . -21.11 15.73 -16.21
CHB HEM C . -22.31 14.35 -11.72
CHB HEM C . -17.94 12.01 -16.48
CHC HEM C . -19.56 10.41 -12.19
CHC HEM C . -19.49 10.38 -12.23
CHD HEM C . -18.04 12.06 -16.47
CHD HEM C . -22.24 14.36 -11.77
C1A HEM C . -21.67 15.70 -14.94
C1A HEM C . -20.12 14.85 -16.63
C2A HEM C . -22.61 16.63 -14.43
C2A HEM C . -19.44 14.96 -17.86
C3A HEM C . -22.99 16.21 -13.18
C3A HEM C . -18.55 13.94 -17.92
C4A HEM C . -22.22 15.07 -12.89
C4A HEM C . -18.66 13.16 -16.74
CMA HEM C . -23.91 16.94 -12.21
CMA HEM C . -17.59 13.67 -19.05
CAA HEM C . -23.19 17.82 -15.15
CAA HEM C . -19.71 16.02 -18.91
CBA HEM C . -22.27 19.06 -14.95
CBA HEM C . -20.72 15.47 -19.91
CGA HEM C . -22.74 20.37 -15.52
CGA HEM C . -21.05 16.40 -21.06
O1A HEM C . -21.95 21.34 -15.43
O1A HEM C . -21.00 15.97 -22.25
O2A HEM C . -23.88 20.47 -16.01
O2A HEM C . -21.36 17.61 -20.82
C1B HEM C . -21.65 13.15 -11.46
C1B HEM C . -18.12 11.21 -15.35
C2B HEM C . -21.86 12.38 -10.27
C2B HEM C . -17.44 9.99 -15.14
C3B HEM C . -21.08 11.26 -10.39
C3B HEM C . -17.86 9.50 -13.94
C4B HEM C . -20.44 11.36 -11.71
C4B HEM C . -18.84 10.49 -13.44
CMB HEM C . -22.71 12.79 -9.08
CMB HEM C . -16.42 9.34 -16.07
CAB HEM C . -20.94 10.08 -9.54
CAB HEM C . -17.37 8.33 -13.17
CBB HEM C . -21.90 9.73 -8.66
CBB HEM C . -16.10 7.93 -13.31
C1C HEM C . -18.89 10.49 -13.40
C1C HEM C . -20.37 11.31 -11.70
C2C HEM C . -18.03 9.55 -13.96
C2C HEM C . -21.07 11.25 -10.50
C3C HEM C . -17.64 10.03 -15.21
C3C HEM C . -21.85 12.39 -10.36
C4C HEM C . -18.22 11.29 -15.38
C4C HEM C . -21.58 13.19 -11.51
CMC HEM C . -17.67 8.24 -13.28
CMC HEM C . -20.95 10.08 -9.56
CAC HEM C . -16.66 9.54 -16.21
CAC HEM C . -22.76 12.85 -9.29
CBC HEM C . -15.72 8.69 -15.87
CBC HEM C . -23.03 12.10 -8.24
C1D HEM C . -18.77 13.22 -16.72
C1D HEM C . -22.16 15.04 -12.97
C2D HEM C . -18.59 13.97 -17.98
C2D HEM C . -22.97 16.25 -13.19
C3D HEM C . -19.46 15.01 -17.91
C3D HEM C . -22.61 16.64 -14.44
C4D HEM C . -20.11 14.86 -16.62
C4D HEM C . -21.67 15.64 -14.92
CMD HEM C . -17.64 13.66 -19.12
CMD HEM C . -23.86 16.98 -12.19
CAD HEM C . -19.72 16.06 -18.98
CAD HEM C . -23.18 17.86 -15.15
CBD HEM C . -20.74 15.49 -19.94
CBD HEM C . -22.26 19.08 -14.94
CGD HEM C . -21.08 16.41 -21.09
CGD HEM C . -22.73 20.40 -15.51
O1D HEM C . -21.36 17.62 -20.84
O1D HEM C . -23.88 20.48 -16.02
O2D HEM C . -21.04 15.99 -22.28
O2D HEM C . -21.95 21.37 -15.43
NA HEM C . -21.44 14.73 -13.96
NA HEM C . -19.62 13.73 -15.96
NB HEM C . -20.78 12.52 -12.27
NB HEM C . -18.96 11.48 -14.34
NC HEM C . -19.02 11.52 -14.29
NC HEM C . -20.67 12.50 -12.26
ND HEM C . -19.68 13.77 -15.92
ND HEM C . -21.40 14.66 -14.02
FE HEM C . -20.23 13.14 -14.18
FE HEM C . -20.24 13.12 -14.15
O5 G56 D . -18.34 28.76 -9.73
C11 G56 D . -19.30 29.55 -9.74
O4 G56 D . -19.53 30.38 -10.67
C10 G56 D . -20.14 29.51 -8.53
C12 G56 D . -19.57 30.52 -7.47
C13 G56 D . -19.53 31.95 -7.91
C18 G56 D . -20.69 32.66 -8.06
C17 G56 D . -20.53 34.02 -8.42
C16 G56 D . -19.25 34.61 -8.64
C15 G56 D . -18.11 33.89 -8.49
C14 G56 D . -18.26 32.57 -8.13
N1 G56 D . -20.08 28.16 -7.93
C9 G56 D . -21.05 27.66 -7.18
O3 G56 D . -22.12 28.19 -7.00
C7 G56 D . -20.82 26.32 -6.56
O1 G56 D . -19.55 25.76 -6.89
C5 G56 D . -19.45 24.68 -7.73
C6 G56 D . -19.85 24.78 -9.04
C1 G56 D . -19.68 23.73 -9.92
C4 G56 D . -18.94 23.49 -7.23
C3 G56 D . -18.75 22.44 -8.15
C2 G56 D . -19.16 22.52 -9.45
O2 G56 D . -18.95 21.48 -10.32
C8 G56 D . -19.57 20.23 -10.01
F1 G56 D . -19.52 19.54 -11.12
F2 G56 D . -20.87 20.43 -9.61
F3 G56 D . -18.90 19.49 -9.11
N1 G4O E . -18.56 14.18 -13.43
C2 G4O E . -18.23 15.63 -13.42
C3 G4O E . -18.74 16.24 -12.18
C1 G4O E . -16.79 15.84 -13.73
C1 GOL F . -30.20 12.27 -16.35
O1 GOL F . -30.01 11.86 -14.98
C2 GOL F . -30.89 13.62 -16.47
O2 GOL F . -31.95 13.73 -15.51
C3 GOL F . -31.46 13.95 -17.87
O3 GOL F . -32.17 15.20 -17.95
C1 GOL G . -12.48 -6.07 9.17
O1 GOL G . -12.05 -4.70 8.96
C2 GOL G . -11.56 -6.87 10.09
O2 GOL G . -12.10 -8.15 10.48
C3 GOL G . -11.24 -6.10 11.36
O3 GOL G . -10.50 -6.90 12.27
C1 GOL H . -5.90 4.07 9.40
O1 GOL H . -6.01 3.83 8.01
C2 GOL H . -6.24 2.80 10.17
O2 GOL H . -5.49 1.70 9.70
C3 GOL H . -6.01 2.93 11.65
O3 GOL H . -6.74 1.91 12.29
C1 GOL I . -25.21 25.71 -28.66
C1 GOL I . -25.29 26.47 -28.53
O1 GOL I . -25.00 24.67 -29.60
O1 GOL I . -25.03 27.60 -29.37
C2 GOL I . -26.67 25.91 -28.39
C2 GOL I . -26.78 26.29 -28.29
O2 GOL I . -27.40 26.01 -29.62
O2 GOL I . -27.56 26.49 -29.47
C3 GOL I . -27.31 24.81 -27.58
C3 GOL I . -27.15 24.95 -27.70
O3 GOL I . -28.48 25.30 -26.94
O3 GOL I . -28.44 25.02 -27.13
CHA HEM J . 20.19 -17.71 15.30
CHA HEM J . 20.14 -17.72 15.31
CHB HEM J . 20.91 -17.02 10.63
CHB HEM J . 15.39 -16.97 14.72
CHC HEM J . 16.15 -16.81 9.93
CHC HEM J . 16.11 -16.74 9.94
CHD HEM J . 15.47 -17.01 14.72
CHD HEM J . 20.85 -17.02 10.69
C1A HEM J . 20.79 -17.57 14.06
C1A HEM J . 18.79 -17.56 15.57
C2A HEM J . 22.20 -17.64 13.79
C2A HEM J . 18.18 -17.63 16.85
C3A HEM J . 22.43 -17.42 12.47
C3A HEM J . 16.87 -17.36 16.68
C4A HEM J . 21.14 -17.23 11.95
C4A HEM J . 16.64 -17.18 15.29
CMA HEM J . 23.73 -17.39 11.70
CMA HEM J . 15.80 -17.29 17.76
CAA HEM J . 23.28 -17.93 14.81
CAA HEM J . 18.84 -17.95 18.18
CBA HEM J . 23.89 -16.63 15.33
CBA HEM J . 18.78 -19.47 18.46
CGA HEM J . 24.92 -16.73 16.44
CGA HEM J . 19.45 -19.90 19.73
O1A HEM J . 25.15 -15.69 17.13
O1A HEM J . 18.81 -20.59 20.56
O2A HEM J . 25.54 -17.81 16.62
O2A HEM J . 20.65 -19.52 19.93
C1B HEM J . 19.64 -16.92 10.04
C1B HEM J . 15.16 -16.91 13.34
C2B HEM J . 19.45 -16.82 8.63
C2B HEM J . 13.88 -16.75 12.72
C3B HEM J . 18.12 -16.73 8.40
C3B HEM J . 14.03 -16.68 11.35
C4B HEM J . 17.51 -16.86 9.74
C4B HEM J . 15.50 -16.85 11.18
CMB HEM J . 20.59 -16.75 7.64
CMB HEM J . 12.55 -16.65 13.43
CAB HEM J . 17.33 -16.69 7.15
CAB HEM J . 13.05 -16.39 10.31
CBB HEM J . 17.86 -17.09 6.00
CBB HEM J . 11.92 -15.70 10.57
C1C HEM J . 15.49 -16.90 11.14
C1C HEM J . 17.46 -16.81 9.67
C2C HEM J . 14.12 -16.83 11.37
C2C HEM J . 18.09 -16.79 8.42
C3C HEM J . 13.94 -16.93 12.74
C3C HEM J . 19.44 -16.89 8.66
C4C HEM J . 15.23 -16.96 13.37
C4C HEM J . 19.64 -16.90 10.07
CMC HEM J . 13.13 -16.76 10.24
CMC HEM J . 17.39 -16.74 7.09
CAC HEM J . 12.75 -16.86 13.61
CAC HEM J . 20.57 -16.88 7.70
CBC HEM J . 11.58 -16.40 13.21
CBC HEM J . 20.41 -16.66 6.39
C1D HEM J . 16.76 -17.21 15.23
C1D HEM J . 21.03 -17.24 12.04
C2D HEM J . 16.93 -17.38 16.69
C2D HEM J . 22.40 -17.40 12.54
C3D HEM J . 18.25 -17.64 16.86
C3D HEM J . 22.15 -17.61 13.85
C4D HEM J . 18.83 -17.55 15.53
C4D HEM J . 20.71 -17.56 14.05
CMD HEM J . 15.86 -17.32 17.76
CMD HEM J . 23.72 -17.34 11.79
CAD HEM J . 18.88 -17.93 18.19
CAD HEM J . 23.27 -17.88 14.86
CBD HEM J . 18.77 -19.43 18.54
CBD HEM J . 23.62 -16.65 15.72
CGD HEM J . 19.47 -19.89 19.78
CGD HEM J . 24.86 -16.72 16.59
O1D HEM J . 20.66 -19.51 19.99
O1D HEM J . 25.21 -15.66 17.20
O2D HEM J . 18.84 -20.62 20.58
O2D HEM J . 25.52 -17.78 16.68
NA HEM J . 20.15 -17.27 12.90
NA HEM J . 17.84 -17.30 14.59
NB HEM J . 18.48 -16.91 10.65
NB HEM J . 16.10 -16.94 12.37
NC HEM J . 16.14 -16.95 12.36
NC HEM J . 18.42 -16.81 10.64
ND HEM J . 17.92 -17.33 14.53
ND HEM J . 20.04 -17.30 12.95
FE HEM J . 18.16 -17.16 12.68
FE HEM J . 18.16 -17.16 12.64
O5 G56 K . 31.86 -7.73 17.91
C11 G56 K . 31.40 -7.44 16.84
O4 G56 K . 30.19 -7.12 16.75
C10 G56 K . 32.20 -7.52 15.58
C12 G56 K . 32.87 -6.13 15.29
C13 G56 K . 33.74 -5.72 16.42
C18 G56 K . 33.42 -4.57 17.22
C17 G56 K . 34.29 -4.21 18.25
C16 G56 K . 35.53 -4.83 18.43
C15 G56 K . 35.89 -5.95 17.63
C14 G56 K . 34.96 -6.34 16.62
N1 G56 K . 31.26 -7.81 14.51
C9 G56 K . 31.55 -8.38 13.38
O3 G56 K . 32.63 -8.90 13.11
C7 G56 K . 30.44 -8.51 12.36
O1 G56 K . 29.22 -7.87 12.72
C5 G56 K . 28.12 -8.62 12.91
C6 G56 K . 27.02 -8.46 12.06
C1 G56 K . 25.88 -9.25 12.39
C4 G56 K . 28.14 -9.48 14.00
C3 G56 K . 27.03 -10.32 14.24
C2 G56 K . 25.91 -10.17 13.46
O2 G56 K . 24.76 -10.91 13.69
C8 G56 K . 24.22 -11.72 12.72
F1 G56 K . 23.39 -12.51 13.33
F2 G56 K . 25.19 -12.38 12.03
F3 G56 K . 23.56 -11.01 11.79
N1 G4O L . 18.11 -15.00 12.97
C2 G4O L . 19.09 -14.25 13.73
C3 G4O L . 20.24 -13.84 12.77
C1 G4O L . 18.40 -13.08 14.40
C1 GOL M . 25.62 -28.49 3.38
O1 GOL M . 26.47 -28.73 4.51
C2 GOL M . 24.23 -29.05 3.61
O2 GOL M . 23.35 -28.12 4.27
C3 GOL M . 23.59 -29.46 2.31
O3 GOL M . 22.18 -29.38 2.39
C1 GOL N . 2.60 -8.19 -16.12
O1 GOL N . 3.39 -8.80 -17.13
C2 GOL N . 3.41 -7.42 -15.10
O2 GOL N . 4.37 -8.28 -14.46
C3 GOL N . 4.10 -6.23 -15.70
O3 GOL N . 3.18 -5.35 -16.35
C1 GOL O . 28.02 -24.67 27.51
C1 GOL O . 27.86 -24.48 27.32
O1 GOL O . 29.07 -24.81 26.55
O1 GOL O . 29.16 -24.66 26.75
C2 GOL O . 28.61 -24.29 28.86
C2 GOL O . 27.94 -24.18 28.81
O2 GOL O . 28.72 -25.45 29.70
O2 GOL O . 28.95 -24.99 29.42
C3 GOL O . 27.79 -23.22 29.55
C3 GOL O . 28.24 -22.72 29.12
O3 GOL O . 27.38 -22.25 28.60
O3 GOL O . 28.55 -22.51 30.50
#